data_2R85
#
_entry.id   2R85
#
_cell.length_a   123.205
_cell.length_b   123.205
_cell.length_c   376.298
_cell.angle_alpha   90.000
_cell.angle_beta   90.000
_cell.angle_gamma   120.000
#
_symmetry.space_group_name_H-M   'H 3 2'
#
loop_
_entity.id
_entity.type
_entity.pdbx_description
1 polymer 'PurP protein PF1517'
2 non-polymer 'SODIUM ION'
3 non-polymer 'CHLORIDE ION'
4 non-polymer 'ADENOSINE MONOPHOSPHATE'
5 non-polymer (4S)-2-METHYL-2,4-PENTANEDIOL
6 water water
#
_entity_poly.entity_id   1
_entity_poly.type   'polypeptide(L)'
_entity_poly.pdbx_seq_one_letter_code
;MKVRIATYASHSALQILKGAKDEGFETIAFGSSKVKPLYTKYFPVADYFIEEKYPEEELLNLNAVVVPTGSFVAHLGIEL
VENMKVPYFGNKRVLRWESDRNLERKWLKKAGIRVPEVYEDPDDIEKPVIVKPHGAKGGKGYFLAKDPEDFWRKAEKFLG
IKRKEDLKNIQIQEYVLGVPVYPHYFYSKVREELELMSIDRRYESNVDAIGRIPAKDQLEFDMDITYTVIGNIPIVLRES
LLMDVIEAGERVVKAAEELMGGLWGPFCLEGVFTPDLEFVVFEISARIVAGTNIFVNGSPYTWLRYDRPVSTGRRIAMEI
REAIENDMLEKVLT
;
_entity_poly.pdbx_strand_id   A,B
#
loop_
_chem_comp.id
_chem_comp.type
_chem_comp.name
_chem_comp.formula
AMP non-polymer 'ADENOSINE MONOPHOSPHATE' 'C10 H14 N5 O7 P'
CL non-polymer 'CHLORIDE ION' 'Cl -1'
MPD non-polymer (4S)-2-METHYL-2,4-PENTANEDIOL 'C6 H14 O2'
NA non-polymer 'SODIUM ION' 'Na 1'
#
# COMPACT_ATOMS: atom_id res chain seq x y z
N MET A 1 -7.37 -3.85 1.86
N MET A 1 -6.97 -3.04 2.76
CA MET A 1 -7.38 -2.82 2.93
CA MET A 1 -6.98 -1.77 3.54
C MET A 1 -8.66 -2.95 3.76
C MET A 1 -8.00 -1.86 4.67
N LYS A 2 -8.52 -2.80 5.09
N LYS A 2 -7.58 -1.48 5.88
CA LYS A 2 -9.69 -2.83 5.97
CA LYS A 2 -8.42 -1.58 7.08
C LYS A 2 -10.55 -1.58 5.76
C LYS A 2 -9.58 -0.60 7.00
N VAL A 3 -9.89 -0.43 5.71
N VAL A 3 -9.64 0.11 5.87
CA VAL A 3 -10.51 0.88 5.49
CA VAL A 3 -10.64 1.13 5.66
C VAL A 3 -11.16 0.93 4.11
C VAL A 3 -11.12 1.13 4.20
N ARG A 4 -12.40 1.42 4.02
CA ARG A 4 -13.02 1.65 2.69
C ARG A 4 -13.17 3.16 2.51
N ILE A 5 -13.14 3.61 1.26
CA ILE A 5 -13.30 5.04 0.98
C ILE A 5 -14.71 5.32 0.50
N ALA A 6 -15.37 6.27 1.16
CA ALA A 6 -16.77 6.62 0.87
C ALA A 6 -16.88 8.09 0.50
N THR A 7 -17.83 8.40 -0.38
CA THR A 7 -18.11 9.80 -0.66
C THR A 7 -19.57 9.97 -1.09
N TYR A 8 -20.07 11.20 -0.95
CA TYR A 8 -21.40 11.57 -1.42
C TYR A 8 -21.43 11.53 -2.95
N ALA A 9 -22.55 11.05 -3.49
CA ALA A 9 -22.68 10.82 -4.93
C ALA A 9 -23.01 12.08 -5.72
N SER A 10 -22.03 12.98 -5.78
N SER A 10 -22.03 12.97 -5.79
CA SER A 10 -22.11 14.20 -6.60
CA SER A 10 -22.09 14.16 -6.65
C SER A 10 -20.74 14.87 -6.65
C SER A 10 -20.73 14.85 -6.68
N HIS A 11 -20.64 15.93 -7.46
CA HIS A 11 -19.49 16.84 -7.47
C HIS A 11 -18.18 16.30 -8.06
N SER A 12 -17.64 15.25 -7.44
CA SER A 12 -16.34 14.70 -7.85
C SER A 12 -16.19 13.25 -7.41
N ALA A 13 -17.32 12.61 -7.10
CA ALA A 13 -17.30 11.23 -6.62
C ALA A 13 -16.71 10.25 -7.62
N LEU A 14 -16.94 10.46 -8.93
CA LEU A 14 -16.37 9.55 -9.94
C LEU A 14 -14.84 9.55 -9.80
N GLN A 15 -14.25 10.75 -9.80
CA GLN A 15 -12.82 10.90 -9.66
C GLN A 15 -12.29 10.33 -8.33
N ILE A 16 -12.98 10.64 -7.24
CA ILE A 16 -12.55 10.22 -5.90
C ILE A 16 -12.55 8.69 -5.84
N LEU A 17 -13.63 8.08 -6.28
CA LEU A 17 -13.74 6.63 -6.14
C LEU A 17 -12.85 5.87 -7.13
N LYS A 18 -12.67 6.41 -8.33
CA LYS A 18 -11.70 5.81 -9.26
C LYS A 18 -10.30 5.87 -8.65
N GLY A 19 -9.94 7.01 -8.03
CA GLY A 19 -8.64 7.15 -7.38
C GLY A 19 -8.47 6.12 -6.26
N ALA A 20 -9.54 5.94 -5.48
CA ALA A 20 -9.55 4.95 -4.40
C ALA A 20 -9.33 3.53 -4.95
N LYS A 21 -10.06 3.17 -6.00
N LYS A 21 -10.04 3.19 -6.02
CA LYS A 21 -9.88 1.87 -6.62
CA LYS A 21 -9.92 1.88 -6.67
C LYS A 21 -8.44 1.68 -7.09
C LYS A 21 -8.52 1.64 -7.23
N ASP A 22 -7.88 2.71 -7.72
CA ASP A 22 -6.51 2.66 -8.23
C ASP A 22 -5.48 2.40 -7.15
N GLU A 23 -5.83 2.79 -5.92
CA GLU A 23 -4.93 2.60 -4.77
C GLU A 23 -5.28 1.37 -3.92
N GLY A 24 -6.23 0.56 -4.40
CA GLY A 24 -6.54 -0.72 -3.77
C GLY A 24 -7.58 -0.72 -2.67
N PHE A 25 -8.38 0.34 -2.61
CA PHE A 25 -9.50 0.43 -1.66
C PHE A 25 -10.80 -0.04 -2.27
N GLU A 26 -11.66 -0.62 -1.43
CA GLU A 26 -13.07 -0.78 -1.78
C GLU A 26 -13.78 0.55 -1.59
N THR A 27 -14.81 0.77 -2.39
CA THR A 27 -15.41 2.10 -2.52
C THR A 27 -16.91 2.10 -2.27
N ILE A 28 -17.41 3.22 -1.72
CA ILE A 28 -18.82 3.39 -1.41
C ILE A 28 -19.25 4.76 -1.89
N ALA A 29 -20.34 4.81 -2.65
CA ALA A 29 -20.99 6.08 -2.95
C ALA A 29 -22.32 6.08 -2.21
N PHE A 30 -22.72 7.25 -1.72
CA PHE A 30 -24.04 7.37 -1.11
C PHE A 30 -24.74 8.64 -1.56
N GLY A 31 -26.04 8.53 -1.84
CA GLY A 31 -26.77 9.66 -2.35
C GLY A 31 -28.07 9.25 -2.99
N SER A 32 -28.45 10.04 -3.98
N SER A 32 -28.51 9.93 -4.05
CA SER A 32 -29.73 9.91 -4.62
CA SER A 32 -29.85 9.66 -4.62
C SER A 32 -29.76 8.64 -5.47
C SER A 32 -29.99 8.37 -5.43
N SER A 33 -30.89 7.94 -5.37
N SER A 33 -31.18 7.75 -5.41
CA SER A 33 -31.14 6.73 -6.18
CA SER A 33 -31.43 6.59 -6.27
C SER A 33 -31.07 7.03 -7.68
C SER A 33 -31.27 6.95 -7.74
N LYS A 34 -31.54 8.22 -8.08
CA LYS A 34 -31.50 8.67 -9.48
C LYS A 34 -30.12 8.53 -10.14
N VAL A 35 -29.07 8.73 -9.34
CA VAL A 35 -27.70 8.71 -9.89
C VAL A 35 -26.94 7.40 -9.69
N LYS A 36 -27.57 6.41 -9.04
CA LYS A 36 -26.93 5.10 -8.88
C LYS A 36 -26.29 4.53 -10.17
N PRO A 37 -27.01 4.57 -11.31
CA PRO A 37 -26.41 4.03 -12.55
C PRO A 37 -25.10 4.71 -12.98
N LEU A 38 -24.94 5.99 -12.66
CA LEU A 38 -23.71 6.70 -13.02
C LEU A 38 -22.48 6.03 -12.41
N TYR A 39 -22.62 5.59 -11.15
CA TYR A 39 -21.48 5.13 -10.35
C TYR A 39 -21.31 3.62 -10.36
N THR A 40 -22.27 2.92 -10.97
CA THR A 40 -22.29 1.46 -10.93
C THR A 40 -22.39 0.82 -12.32
N LYS A 41 -22.87 1.58 -13.30
CA LYS A 41 -23.05 1.07 -14.67
C LYS A 41 -22.22 1.88 -15.68
N TYR A 42 -22.51 3.17 -15.80
CA TYR A 42 -21.83 3.98 -16.81
C TYR A 42 -20.35 4.16 -16.50
N PHE A 43 -20.05 4.38 -15.21
CA PHE A 43 -18.65 4.43 -14.74
C PHE A 43 -18.61 3.60 -13.45
N PRO A 44 -18.32 2.29 -13.55
N PRO A 44 -18.31 2.30 -13.58
CA PRO A 44 -18.46 1.40 -12.37
CA PRO A 44 -18.25 1.39 -12.46
C PRO A 44 -17.34 1.52 -11.32
C PRO A 44 -17.09 1.76 -11.55
N VAL A 45 -17.37 2.62 -10.59
CA VAL A 45 -16.34 3.01 -9.61
C VAL A 45 -16.75 2.75 -8.16
N ALA A 46 -18.05 2.51 -7.95
CA ALA A 46 -18.59 2.29 -6.59
C ALA A 46 -18.89 0.80 -6.35
N ASP A 47 -18.18 0.19 -5.41
CA ASP A 47 -18.42 -1.21 -5.05
C ASP A 47 -19.74 -1.36 -4.30
N TYR A 48 -20.07 -0.34 -3.50
CA TYR A 48 -21.35 -0.26 -2.79
C TYR A 48 -21.99 1.07 -3.12
N PHE A 49 -23.31 1.06 -3.35
CA PHE A 49 -24.06 2.30 -3.48
C PHE A 49 -25.19 2.28 -2.47
N ILE A 50 -25.18 3.25 -1.57
CA ILE A 50 -26.24 3.37 -0.56
C ILE A 50 -27.17 4.52 -0.91
N GLU A 51 -28.45 4.21 -1.05
N GLU A 51 -28.46 4.24 -1.05
CA GLU A 51 -29.45 5.18 -1.50
CA GLU A 51 -29.42 5.22 -1.55
C GLU A 51 -29.99 5.98 -0.32
C GLU A 51 -29.99 6.15 -0.45
N GLU A 52 -29.10 6.71 0.35
CA GLU A 52 -29.44 7.57 1.48
C GLU A 52 -28.51 8.78 1.53
N LYS A 53 -29.04 9.91 2.04
CA LYS A 53 -28.28 11.17 2.16
C LYS A 53 -27.02 11.00 3.01
N TYR A 54 -27.17 10.36 4.17
CA TYR A 54 -26.03 10.12 5.06
C TYR A 54 -26.26 8.87 5.94
N PRO A 55 -25.91 7.69 5.41
CA PRO A 55 -26.14 6.40 6.08
C PRO A 55 -25.04 6.11 7.10
N GLU A 56 -25.08 6.86 8.20
CA GLU A 56 -24.01 6.79 9.20
C GLU A 56 -23.75 5.37 9.72
N GLU A 57 -24.80 4.68 10.15
CA GLU A 57 -24.63 3.34 10.72
C GLU A 57 -24.03 2.34 9.74
N GLU A 58 -24.50 2.38 8.49
N GLU A 58 -24.50 2.38 8.49
CA GLU A 58 -24.01 1.48 7.44
CA GLU A 58 -24.00 1.48 7.46
C GLU A 58 -22.55 1.79 7.11
C GLU A 58 -22.54 1.79 7.13
N LEU A 59 -22.21 3.09 7.09
CA LEU A 59 -20.83 3.53 6.82
C LEU A 59 -19.86 3.08 7.93
N LEU A 60 -20.29 3.19 9.19
CA LEU A 60 -19.47 2.70 10.29
C LEU A 60 -19.24 1.20 10.19
N ASN A 61 -20.30 0.47 9.84
CA ASN A 61 -20.20 -0.99 9.69
C ASN A 61 -19.26 -1.40 8.56
N LEU A 62 -19.18 -0.57 7.53
CA LEU A 62 -18.32 -0.82 6.38
C LEU A 62 -16.89 -0.29 6.57
N ASN A 63 -16.60 0.25 7.76
CA ASN A 63 -15.27 0.78 8.08
C ASN A 63 -14.86 1.88 7.10
N ALA A 64 -15.83 2.72 6.77
CA ALA A 64 -15.63 3.80 5.81
C ALA A 64 -14.89 5.00 6.42
N VAL A 65 -14.10 5.65 5.57
CA VAL A 65 -13.62 7.00 5.77
C VAL A 65 -14.28 7.83 4.69
N VAL A 66 -14.90 8.95 5.08
CA VAL A 66 -15.56 9.82 4.10
C VAL A 66 -14.58 10.87 3.56
N VAL A 67 -14.46 10.92 2.23
CA VAL A 67 -13.76 12.01 1.57
C VAL A 67 -14.81 13.07 1.21
N PRO A 68 -14.71 14.28 1.78
CA PRO A 68 -15.74 15.29 1.52
C PRO A 68 -15.59 15.84 0.11
N THR A 69 -16.67 15.82 -0.66
CA THR A 69 -16.68 16.46 -1.98
C THR A 69 -16.76 17.96 -1.78
N GLY A 70 -16.64 18.71 -2.87
CA GLY A 70 -16.79 20.17 -2.85
C GLY A 70 -18.21 20.68 -2.68
N SER A 71 -19.19 19.77 -2.60
CA SER A 71 -20.58 20.17 -2.33
C SER A 71 -21.19 19.40 -1.16
N PHE A 72 -20.31 18.82 -0.34
CA PHE A 72 -20.72 17.94 0.76
C PHE A 72 -21.67 18.63 1.76
N VAL A 73 -21.27 19.83 2.19
CA VAL A 73 -22.05 20.61 3.15
C VAL A 73 -23.34 21.11 2.52
N ALA A 74 -23.30 21.43 1.23
CA ALA A 74 -24.50 21.90 0.53
C ALA A 74 -25.63 20.86 0.65
N HIS A 75 -25.28 19.59 0.49
CA HIS A 75 -26.27 18.51 0.49
C HIS A 75 -26.66 18.01 1.88
N LEU A 76 -25.75 18.13 2.85
CA LEU A 76 -25.97 17.58 4.19
C LEU A 76 -26.26 18.63 5.25
N GLY A 77 -25.69 19.82 5.07
CA GLY A 77 -25.77 20.88 6.09
C GLY A 77 -24.59 20.83 7.04
N ILE A 78 -24.12 22.00 7.43
CA ILE A 78 -22.91 22.12 8.27
C ILE A 78 -22.98 21.35 9.60
N GLU A 79 -24.12 21.41 10.29
CA GLU A 79 -24.28 20.73 11.58
C GLU A 79 -24.14 19.22 11.47
N LEU A 80 -24.80 18.63 10.47
CA LEU A 80 -24.72 17.19 10.26
C LEU A 80 -23.27 16.78 10.01
N VAL A 81 -22.58 17.53 9.15
CA VAL A 81 -21.18 17.24 8.82
C VAL A 81 -20.26 17.40 10.05
N GLU A 82 -20.40 18.49 10.79
CA GLU A 82 -19.55 18.71 11.95
C GLU A 82 -19.71 17.63 13.00
N ASN A 83 -20.92 17.11 13.14
CA ASN A 83 -21.21 16.12 14.17
C ASN A 83 -21.17 14.67 13.68
N MET A 84 -20.78 14.45 12.43
CA MET A 84 -20.77 13.09 11.89
C MET A 84 -19.80 12.18 12.65
N LYS A 85 -20.21 10.93 12.86
CA LYS A 85 -19.40 9.95 13.59
C LYS A 85 -18.45 9.16 12.70
N VAL A 86 -18.74 9.15 11.40
CA VAL A 86 -17.87 8.49 10.43
C VAL A 86 -16.61 9.37 10.24
N PRO A 87 -15.41 8.76 10.30
CA PRO A 87 -14.17 9.53 10.12
C PRO A 87 -14.17 10.30 8.81
N TYR A 88 -13.61 11.51 8.85
CA TYR A 88 -13.69 12.47 7.76
C TYR A 88 -12.27 12.83 7.35
N PHE A 89 -11.99 12.71 6.05
CA PHE A 89 -10.66 13.03 5.55
C PHE A 89 -10.48 14.53 5.37
N GLY A 90 -9.64 15.11 6.22
CA GLY A 90 -9.47 16.55 6.29
C GLY A 90 -9.85 17.05 7.66
N ASN A 91 -9.77 18.36 7.84
CA ASN A 91 -10.11 19.00 9.12
C ASN A 91 -11.51 19.61 9.05
N LYS A 92 -12.46 19.04 9.79
N LYS A 92 -12.44 19.02 9.80
CA LYS A 92 -13.84 19.53 9.76
CA LYS A 92 -13.83 19.50 9.89
C LYS A 92 -13.99 20.99 10.24
C LYS A 92 -13.93 20.99 10.18
N ARG A 93 -13.02 21.47 11.02
CA ARG A 93 -13.03 22.85 11.49
C ARG A 93 -12.92 23.86 10.35
N VAL A 94 -12.30 23.45 9.25
CA VAL A 94 -12.11 24.33 8.11
C VAL A 94 -13.45 24.78 7.48
N LEU A 95 -14.49 23.96 7.63
CA LEU A 95 -15.77 24.23 6.96
C LEU A 95 -16.33 25.61 7.28
N ARG A 96 -16.29 26.00 8.55
CA ARG A 96 -16.77 27.32 8.94
C ARG A 96 -15.85 28.43 8.43
N TRP A 97 -14.54 28.18 8.51
CA TRP A 97 -13.54 29.18 8.10
C TRP A 97 -13.55 29.51 6.61
N GLU A 98 -13.93 28.52 5.79
CA GLU A 98 -14.01 28.74 4.35
C GLU A 98 -15.34 29.33 3.88
N SER A 99 -16.37 29.29 4.75
N SER A 99 -16.36 29.24 4.74
CA SER A 99 -17.74 29.61 4.35
CA SER A 99 -17.71 29.67 4.40
C SER A 99 -18.27 30.92 4.92
C SER A 99 -17.98 31.07 4.91
N ASP A 100 -17.87 31.24 6.14
N ASP A 100 -18.04 31.22 6.23
CA ASP A 100 -18.24 32.50 6.80
CA ASP A 100 -18.30 32.53 6.81
C ASP A 100 -17.38 33.61 6.20
C ASP A 100 -17.40 33.57 6.15
N ARG A 101 -18.03 34.63 5.63
CA ARG A 101 -17.34 35.71 4.91
C ARG A 101 -16.26 36.38 5.76
N ASN A 102 -16.58 36.63 7.02
CA ASN A 102 -15.64 37.27 7.94
C ASN A 102 -14.46 36.38 8.33
N LEU A 103 -14.73 35.10 8.58
CA LEU A 103 -13.67 34.14 8.89
C LEU A 103 -12.76 33.92 7.68
N GLU A 104 -13.37 33.80 6.51
CA GLU A 104 -12.63 33.64 5.26
C GLU A 104 -11.69 34.82 5.02
N ARG A 105 -12.21 36.04 5.21
N ARG A 105 -12.21 36.03 5.19
N ARG A 105 -12.21 36.04 5.21
CA ARG A 105 -11.43 37.26 5.06
CA ARG A 105 -11.42 37.27 5.06
CA ARG A 105 -11.43 37.26 5.06
C ARG A 105 -10.26 37.31 6.04
C ARG A 105 -10.24 37.27 6.04
C ARG A 105 -10.26 37.31 6.05
N LYS A 106 -10.51 36.91 7.30
CA LYS A 106 -9.47 36.85 8.33
C LYS A 106 -8.35 35.86 7.97
N TRP A 107 -8.75 34.69 7.48
CA TRP A 107 -7.82 33.65 7.05
C TRP A 107 -6.92 34.17 5.92
N LEU A 108 -7.53 34.74 4.89
N LEU A 108 -7.53 34.75 4.89
CA LEU A 108 -6.80 35.22 3.72
CA LEU A 108 -6.80 35.23 3.71
C LEU A 108 -5.86 36.38 4.09
C LEU A 108 -5.90 36.43 4.02
N LYS A 109 -6.31 37.24 4.99
CA LYS A 109 -5.49 38.36 5.46
C LYS A 109 -4.26 37.85 6.23
N LYS A 110 -4.48 36.89 7.12
CA LYS A 110 -3.39 36.28 7.89
C LYS A 110 -2.37 35.61 6.96
N ALA A 111 -2.88 35.01 5.89
CA ALA A 111 -2.05 34.30 4.92
C ALA A 111 -1.41 35.25 3.89
N GLY A 112 -1.62 36.56 4.06
CA GLY A 112 -1.05 37.55 3.14
C GLY A 112 -1.44 37.31 1.69
N ILE A 113 -2.72 37.01 1.47
CA ILE A 113 -3.26 36.78 0.13
C ILE A 113 -3.91 38.07 -0.38
N ARG A 114 -3.52 38.49 -1.58
CA ARG A 114 -4.15 39.65 -2.22
C ARG A 114 -5.63 39.38 -2.51
N VAL A 115 -6.50 40.25 -1.97
CA VAL A 115 -7.95 40.16 -2.12
C VAL A 115 -8.52 41.54 -2.45
N PRO A 116 -9.74 41.62 -3.04
CA PRO A 116 -10.34 42.94 -3.28
C PRO A 116 -10.57 43.71 -1.97
N GLU A 117 -10.18 44.99 -1.94
CA GLU A 117 -10.43 45.84 -0.79
C GLU A 117 -11.94 46.01 -0.60
N VAL A 118 -12.39 45.95 0.65
CA VAL A 118 -13.81 46.16 0.96
C VAL A 118 -13.99 47.60 1.45
N TYR A 119 -15.03 48.28 0.96
CA TYR A 119 -15.36 49.64 1.38
C TYR A 119 -16.60 49.62 2.26
N GLU A 120 -16.48 50.17 3.46
CA GLU A 120 -17.62 50.23 4.37
C GLU A 120 -18.49 51.46 4.10
N ASP A 121 -17.86 52.50 3.55
CA ASP A 121 -18.53 53.76 3.28
C ASP A 121 -18.37 54.13 1.80
N PRO A 122 -19.49 54.29 1.07
CA PRO A 122 -19.45 54.68 -0.33
C PRO A 122 -18.70 55.99 -0.58
N ASP A 123 -18.72 56.87 0.42
CA ASP A 123 -18.04 58.15 0.27
C ASP A 123 -16.51 58.03 0.27
N ASP A 124 -16.01 56.82 0.56
CA ASP A 124 -14.58 56.50 0.53
C ASP A 124 -14.08 55.93 -0.82
N ILE A 125 -14.99 55.73 -1.78
CA ILE A 125 -14.62 55.18 -3.10
C ILE A 125 -13.66 56.12 -3.84
N GLU A 126 -12.49 55.61 -4.21
CA GLU A 126 -11.48 56.41 -4.90
C GLU A 126 -10.97 55.74 -6.19
N LYS A 127 -11.44 54.51 -6.42
CA LYS A 127 -11.15 53.74 -7.63
C LYS A 127 -12.41 52.91 -7.95
N PRO A 128 -12.56 52.44 -9.21
CA PRO A 128 -13.78 51.69 -9.53
C PRO A 128 -14.08 50.54 -8.57
N VAL A 129 -15.36 50.44 -8.19
CA VAL A 129 -15.82 49.39 -7.29
C VAL A 129 -16.96 48.61 -7.91
N ILE A 130 -17.13 47.39 -7.43
CA ILE A 130 -18.30 46.59 -7.74
C ILE A 130 -19.25 46.66 -6.54
N VAL A 131 -20.52 46.94 -6.84
CA VAL A 131 -21.56 47.05 -5.82
C VAL A 131 -22.43 45.80 -5.91
N LYS A 132 -22.58 45.13 -4.78
CA LYS A 132 -23.32 43.87 -4.70
C LYS A 132 -24.55 44.02 -3.79
N PRO A 133 -25.72 44.34 -4.39
CA PRO A 133 -26.97 44.42 -3.61
C PRO A 133 -27.45 43.02 -3.23
N HIS A 134 -28.03 42.90 -2.04
CA HIS A 134 -28.58 41.61 -1.58
C HIS A 134 -30.11 41.67 -1.55
N GLY A 139 -24.69 37.21 -8.09
CA GLY A 139 -24.56 38.15 -9.19
C GLY A 139 -25.74 39.08 -9.38
N LYS A 140 -26.80 38.87 -8.59
CA LYS A 140 -28.06 39.60 -8.80
C LYS A 140 -27.93 41.11 -8.62
N GLY A 141 -28.08 41.83 -9.73
CA GLY A 141 -28.08 43.29 -9.75
C GLY A 141 -26.74 43.96 -9.52
N TYR A 142 -25.63 43.24 -9.71
CA TYR A 142 -24.30 43.82 -9.53
C TYR A 142 -24.05 44.93 -10.54
N PHE A 143 -23.43 46.02 -10.09
CA PHE A 143 -23.02 47.11 -10.98
C PHE A 143 -21.72 47.76 -10.52
N LEU A 144 -21.08 48.48 -11.43
CA LEU A 144 -19.85 49.19 -11.11
C LEU A 144 -20.13 50.65 -10.78
N ALA A 145 -19.29 51.21 -9.91
CA ALA A 145 -19.30 52.65 -9.63
C ALA A 145 -17.88 53.22 -9.71
N LYS A 146 -17.75 54.43 -10.26
N LYS A 146 -17.76 54.44 -10.25
CA LYS A 146 -16.44 55.05 -10.46
CA LYS A 146 -16.47 55.08 -10.50
C LYS A 146 -15.96 55.82 -9.23
C LYS A 146 -15.96 55.90 -9.31
N ASP A 147 -16.90 56.48 -8.56
CA ASP A 147 -16.60 57.40 -7.46
C ASP A 147 -17.87 57.58 -6.62
N PRO A 148 -17.79 58.32 -5.50
CA PRO A 148 -18.97 58.52 -4.65
C PRO A 148 -20.19 59.09 -5.39
N GLU A 149 -19.98 60.10 -6.23
CA GLU A 149 -21.08 60.75 -6.96
C GLU A 149 -21.77 59.77 -7.89
N ASP A 150 -20.97 58.99 -8.63
CA ASP A 150 -21.47 57.96 -9.51
C ASP A 150 -22.22 56.89 -8.74
N PHE A 151 -21.67 56.50 -7.59
CA PHE A 151 -22.32 55.52 -6.73
C PHE A 151 -23.72 55.97 -6.31
N TRP A 152 -23.83 57.19 -5.79
CA TRP A 152 -25.11 57.67 -5.28
C TRP A 152 -26.16 57.86 -6.38
N ARG A 153 -25.73 58.31 -7.56
CA ARG A 153 -26.63 58.40 -8.72
C ARG A 153 -27.19 57.02 -9.06
N LYS A 154 -26.33 56.01 -9.04
CA LYS A 154 -26.73 54.64 -9.35
C LYS A 154 -27.54 54.01 -8.23
N ALA A 155 -27.22 54.34 -6.98
CA ALA A 155 -28.02 53.88 -5.85
C ALA A 155 -29.46 54.40 -5.95
N GLU A 156 -29.61 55.63 -6.43
CA GLU A 156 -30.95 56.20 -6.67
C GLU A 156 -31.66 55.49 -7.81
N LYS A 157 -30.98 55.39 -8.96
CA LYS A 157 -31.56 54.82 -10.17
C LYS A 157 -31.88 53.32 -10.04
N PHE A 158 -30.94 52.55 -9.52
CA PHE A 158 -31.10 51.09 -9.44
C PHE A 158 -31.75 50.59 -8.15
N LEU A 159 -31.54 51.30 -7.05
CA LEU A 159 -31.95 50.81 -5.72
C LEU A 159 -33.01 51.68 -5.04
N GLY A 160 -33.35 52.79 -5.66
CA GLY A 160 -34.39 53.71 -5.14
C GLY A 160 -33.94 54.55 -3.96
N ILE A 161 -32.63 54.63 -3.74
CA ILE A 161 -32.07 55.34 -2.59
C ILE A 161 -32.00 56.85 -2.82
N LYS A 162 -32.74 57.60 -2.01
CA LYS A 162 -32.82 59.05 -2.18
C LYS A 162 -32.20 59.81 -1.00
N ARG A 163 -31.81 59.08 0.04
CA ARG A 163 -31.14 59.64 1.21
C ARG A 163 -30.06 58.67 1.67
N LYS A 164 -28.94 59.21 2.13
CA LYS A 164 -27.80 58.36 2.49
C LYS A 164 -28.11 57.39 3.62
N GLU A 165 -28.95 57.81 4.57
CA GLU A 165 -29.32 56.94 5.70
C GLU A 165 -30.17 55.73 5.29
N ASP A 166 -30.72 55.76 4.07
CA ASP A 166 -31.62 54.71 3.58
C ASP A 166 -30.89 53.53 2.91
N LEU A 167 -29.59 53.70 2.68
CA LEU A 167 -28.78 52.64 2.08
C LEU A 167 -28.60 51.47 3.03
N LYS A 168 -28.93 50.27 2.56
CA LYS A 168 -28.76 49.05 3.34
C LYS A 168 -28.57 47.83 2.45
N ASN A 169 -28.12 46.72 3.06
CA ASN A 169 -28.00 45.42 2.40
C ASN A 169 -27.14 45.40 1.13
N ILE A 170 -25.96 46.01 1.21
N ILE A 170 -25.97 46.03 1.19
CA ILE A 170 -25.02 46.06 0.10
CA ILE A 170 -25.03 46.01 0.06
C ILE A 170 -23.59 45.71 0.53
C ILE A 170 -23.58 45.81 0.48
N GLN A 171 -22.81 45.19 -0.42
CA GLN A 171 -21.37 45.04 -0.27
C GLN A 171 -20.75 45.91 -1.34
N ILE A 172 -19.65 46.59 -1.01
CA ILE A 172 -18.89 47.38 -1.98
C ILE A 172 -17.44 46.90 -1.93
N GLN A 173 -16.93 46.44 -3.07
N GLN A 173 -16.93 46.46 -3.07
CA GLN A 173 -15.58 45.88 -3.18
CA GLN A 173 -15.56 45.94 -3.14
C GLN A 173 -14.80 46.57 -4.30
C GLN A 173 -14.80 46.56 -4.29
N GLU A 174 -13.48 46.68 -4.12
CA GLU A 174 -12.59 47.05 -5.21
C GLU A 174 -12.89 46.14 -6.41
N TYR A 175 -13.11 46.75 -7.57
CA TYR A 175 -13.33 46.00 -8.78
C TYR A 175 -12.00 45.60 -9.37
N VAL A 176 -11.82 44.29 -9.59
CA VAL A 176 -10.55 43.78 -10.11
C VAL A 176 -10.80 43.02 -11.40
N LEU A 177 -10.29 43.56 -12.50
CA LEU A 177 -10.46 42.93 -13.81
C LEU A 177 -9.29 42.01 -14.16
N GLY A 178 -9.59 40.73 -14.37
CA GLY A 178 -8.58 39.76 -14.79
C GLY A 178 -9.24 38.49 -15.27
N VAL A 179 -8.43 37.56 -15.77
CA VAL A 179 -8.96 36.31 -16.29
C VAL A 179 -9.10 35.28 -15.17
N PRO A 180 -10.25 34.57 -15.12
CA PRO A 180 -10.44 33.56 -14.08
C PRO A 180 -9.39 32.44 -14.13
N VAL A 181 -8.84 32.12 -12.96
N VAL A 181 -8.82 32.14 -12.97
CA VAL A 181 -7.82 31.06 -12.80
CA VAL A 181 -7.89 31.02 -12.82
C VAL A 181 -8.03 30.35 -11.47
C VAL A 181 -8.19 30.32 -11.51
N TYR A 182 -8.01 29.02 -11.50
CA TYR A 182 -8.31 28.18 -10.34
C TYR A 182 -7.21 27.14 -10.11
N PRO A 183 -6.16 27.50 -9.35
N PRO A 183 -6.13 27.50 -9.39
CA PRO A 183 -5.12 26.53 -9.01
CA PRO A 183 -5.11 26.52 -9.05
C PRO A 183 -5.64 25.50 -7.99
C PRO A 183 -5.56 25.52 -7.98
N HIS A 184 -5.27 24.24 -8.22
CA HIS A 184 -5.69 23.13 -7.35
C HIS A 184 -4.47 22.62 -6.60
N TYR A 185 -4.57 22.64 -5.27
CA TYR A 185 -3.46 22.24 -4.42
C TYR A 185 -3.76 20.95 -3.69
N PHE A 186 -2.71 20.32 -3.17
CA PHE A 186 -2.88 19.24 -2.19
C PHE A 186 -1.79 19.38 -1.15
N TYR A 187 -2.18 19.48 0.11
CA TYR A 187 -1.20 19.44 1.20
C TYR A 187 -1.19 18.07 1.88
N SER A 188 -0.05 17.40 1.82
CA SER A 188 0.12 16.10 2.46
C SER A 188 0.53 16.30 3.92
N LYS A 189 -0.34 15.88 4.83
CA LYS A 189 0.02 15.89 6.25
C LYS A 189 1.05 14.78 6.55
N VAL A 190 0.94 13.66 5.85
CA VAL A 190 1.89 12.55 6.02
C VAL A 190 3.32 12.99 5.71
N ARG A 191 3.47 13.69 4.59
CA ARG A 191 4.79 14.11 4.10
C ARG A 191 5.16 15.54 4.47
N GLU A 192 4.20 16.28 5.01
N GLU A 192 4.22 16.27 5.08
CA GLU A 192 4.29 17.74 5.22
CA GLU A 192 4.39 17.67 5.49
C GLU A 192 4.85 18.41 3.95
C GLU A 192 4.85 18.57 4.35
N GLU A 193 4.09 18.29 2.85
N GLU A 193 4.19 18.41 3.20
CA GLU A 193 4.54 18.75 1.56
CA GLU A 193 4.55 19.12 1.97
C GLU A 193 3.35 19.31 0.84
C GLU A 193 3.32 19.48 1.11
N LEU A 194 3.47 20.53 0.32
CA LEU A 194 2.43 21.05 -0.58
C LEU A 194 2.76 20.72 -2.03
N GLU A 195 1.72 20.35 -2.79
CA GLU A 195 1.83 20.11 -4.23
C GLU A 195 0.84 20.97 -5.00
N LEU A 196 1.23 21.38 -6.20
CA LEU A 196 0.28 21.92 -7.16
C LEU A 196 -0.18 20.75 -8.02
N MET A 197 -1.48 20.48 -8.00
CA MET A 197 -2.04 19.29 -8.64
C MET A 197 -2.44 19.53 -10.09
N SER A 198 -2.93 20.73 -10.38
CA SER A 198 -3.58 21.04 -11.65
C SER A 198 -4.15 22.44 -11.55
N ILE A 199 -4.64 22.96 -12.67
CA ILE A 199 -5.24 24.29 -12.75
C ILE A 199 -6.36 24.24 -13.78
N ASP A 200 -7.47 24.93 -13.53
CA ASP A 200 -8.53 24.97 -14.53
C ASP A 200 -9.13 26.37 -14.66
N ARG A 201 -10.00 26.51 -15.65
N ARG A 201 -9.99 26.49 -15.67
CA ARG A 201 -10.88 27.68 -15.73
CA ARG A 201 -10.80 27.66 -15.93
C ARG A 201 -12.30 27.13 -15.69
C ARG A 201 -12.27 27.21 -15.86
N ARG A 202 -13.05 27.57 -14.68
N ARG A 202 -12.93 27.56 -14.75
CA ARG A 202 -14.42 27.15 -14.49
CA ARG A 202 -14.34 27.20 -14.60
C ARG A 202 -15.30 27.76 -15.59
C ARG A 202 -15.12 27.67 -15.82
N TYR A 203 -16.17 26.93 -16.17
CA TYR A 203 -17.03 27.28 -17.30
C TYR A 203 -18.43 27.57 -16.76
N GLU A 204 -18.89 28.81 -16.95
CA GLU A 204 -20.05 29.34 -16.21
C GLU A 204 -21.11 29.93 -17.14
N SER A 205 -22.37 29.75 -16.77
CA SER A 205 -23.51 30.21 -17.59
C SER A 205 -24.41 31.12 -16.75
N ASN A 206 -24.90 32.24 -17.31
CA ASN A 206 -24.72 32.62 -18.71
C ASN A 206 -23.48 33.47 -19.02
N VAL A 207 -22.67 33.74 -18.00
CA VAL A 207 -21.56 34.69 -18.15
C VAL A 207 -20.60 34.35 -19.31
N ASP A 208 -20.29 33.07 -19.49
CA ASP A 208 -19.36 32.69 -20.56
C ASP A 208 -20.01 32.60 -21.95
N ALA A 209 -21.32 32.82 -22.00
CA ALA A 209 -22.07 32.85 -23.26
C ALA A 209 -22.23 34.27 -23.81
N ILE A 210 -22.11 35.28 -22.96
CA ILE A 210 -22.48 36.63 -23.43
C ILE A 210 -21.47 37.23 -24.42
N GLY A 211 -20.21 36.79 -24.32
CA GLY A 211 -19.17 37.23 -25.26
C GLY A 211 -19.47 36.88 -26.71
N ARG A 212 -20.33 35.88 -26.92
CA ARG A 212 -20.75 35.48 -28.26
C ARG A 212 -21.88 36.35 -28.82
N ILE A 213 -22.40 37.25 -27.98
CA ILE A 213 -23.50 38.13 -28.38
C ILE A 213 -22.95 39.51 -28.70
N PRO A 214 -23.13 39.98 -29.95
CA PRO A 214 -22.65 41.32 -30.29
C PRO A 214 -23.26 42.39 -29.40
N ALA A 215 -22.48 43.43 -29.13
CA ALA A 215 -22.91 44.53 -28.27
C ALA A 215 -24.27 45.07 -28.68
N LYS A 216 -24.48 45.26 -29.98
CA LYS A 216 -25.73 45.86 -30.46
C LYS A 216 -26.94 45.05 -30.02
N ASP A 217 -26.83 43.72 -30.09
CA ASP A 217 -27.91 42.83 -29.70
C ASP A 217 -28.11 42.82 -28.19
N GLN A 218 -27.01 42.85 -27.44
CA GLN A 218 -27.09 42.92 -25.96
C GLN A 218 -27.84 44.15 -25.48
N LEU A 219 -27.58 45.28 -26.13
CA LEU A 219 -28.04 46.57 -25.61
C LEU A 219 -29.55 46.75 -25.66
N GLU A 220 -30.23 45.91 -26.44
CA GLU A 220 -31.68 45.95 -26.55
C GLU A 220 -32.36 45.36 -25.31
N PHE A 221 -31.59 44.67 -24.48
CA PHE A 221 -32.11 43.97 -23.31
C PHE A 221 -31.42 44.40 -22.02
N ASP A 222 -32.14 44.28 -20.91
N ASP A 222 -32.12 44.24 -20.90
CA ASP A 222 -31.52 44.36 -19.60
CA ASP A 222 -31.51 44.39 -19.58
C ASP A 222 -30.88 43.00 -19.34
C ASP A 222 -30.88 43.06 -19.20
N MET A 223 -29.56 42.97 -19.36
CA MET A 223 -28.83 41.71 -19.14
C MET A 223 -28.90 41.31 -17.67
N ASP A 224 -29.14 40.02 -17.44
CA ASP A 224 -29.14 39.43 -16.11
C ASP A 224 -28.02 38.41 -16.09
N ILE A 225 -26.85 38.84 -15.66
CA ILE A 225 -25.66 37.99 -15.72
C ILE A 225 -25.64 36.99 -14.57
N THR A 226 -25.43 35.72 -14.91
CA THR A 226 -25.39 34.64 -13.94
C THR A 226 -24.08 33.86 -14.05
N TYR A 227 -23.73 33.17 -12.96
CA TYR A 227 -22.43 32.52 -12.84
C TYR A 227 -22.59 31.04 -12.45
N THR A 228 -23.67 30.42 -12.93
CA THR A 228 -23.92 29.01 -12.64
C THR A 228 -22.79 28.16 -13.21
N VAL A 229 -22.22 27.32 -12.37
CA VAL A 229 -21.12 26.45 -12.81
C VAL A 229 -21.66 25.29 -13.66
N ILE A 230 -21.13 25.18 -14.88
CA ILE A 230 -21.54 24.15 -15.84
C ILE A 230 -20.46 23.10 -16.05
N GLY A 231 -19.20 23.54 -16.07
CA GLY A 231 -18.11 22.61 -16.32
C GLY A 231 -16.76 23.23 -16.06
N ASN A 232 -15.73 22.64 -16.65
CA ASN A 232 -14.35 23.04 -16.39
C ASN A 232 -13.49 22.82 -17.62
N ILE A 233 -12.57 23.74 -17.83
CA ILE A 233 -11.65 23.74 -18.98
C ILE A 233 -10.21 23.69 -18.45
N PRO A 234 -9.37 22.76 -18.95
CA PRO A 234 -7.99 22.66 -18.43
C PRO A 234 -7.15 23.82 -18.90
N ILE A 235 -6.31 24.34 -18.01
CA ILE A 235 -5.30 25.33 -18.43
C ILE A 235 -3.96 25.01 -17.79
N VAL A 236 -2.89 25.59 -18.36
CA VAL A 236 -1.66 25.77 -17.60
C VAL A 236 -1.38 27.26 -17.47
N LEU A 237 -0.60 27.63 -16.45
CA LEU A 237 -0.17 29.01 -16.31
C LEU A 237 1.19 29.24 -16.96
N ARG A 238 1.45 30.50 -17.30
CA ARG A 238 2.80 30.98 -17.56
C ARG A 238 3.71 30.52 -16.42
N GLU A 239 4.83 29.89 -16.76
CA GLU A 239 5.67 29.22 -15.77
C GLU A 239 6.18 30.15 -14.66
N SER A 240 6.48 31.39 -15.02
CA SER A 240 7.01 32.37 -14.06
C SER A 240 5.98 32.80 -13.00
N LEU A 241 4.72 32.44 -13.20
CA LEU A 241 3.65 32.74 -12.24
C LEU A 241 3.50 31.67 -11.16
N LEU A 242 4.11 30.50 -11.38
CA LEU A 242 3.89 29.35 -10.51
C LEU A 242 4.40 29.54 -9.09
N MET A 243 5.59 30.11 -8.97
CA MET A 243 6.20 30.26 -7.65
C MET A 243 5.29 31.03 -6.70
N ASP A 244 4.74 32.15 -7.17
CA ASP A 244 3.87 32.96 -6.31
C ASP A 244 2.52 32.27 -6.05
N VAL A 245 2.04 31.49 -7.01
CA VAL A 245 0.82 30.69 -6.80
C VAL A 245 1.08 29.62 -5.72
N ILE A 246 2.23 28.98 -5.78
CA ILE A 246 2.59 27.95 -4.81
C ILE A 246 2.83 28.57 -3.43
N GLU A 247 3.53 29.70 -3.40
CA GLU A 247 3.79 30.39 -2.14
C GLU A 247 2.48 30.79 -1.46
N ALA A 248 1.50 31.20 -2.26
CA ALA A 248 0.17 31.57 -1.72
C ALA A 248 -0.44 30.36 -1.00
N GLY A 249 -0.37 29.20 -1.63
CA GLY A 249 -0.84 27.95 -1.02
C GLY A 249 -0.14 27.61 0.28
N GLU A 250 1.19 27.79 0.30
CA GLU A 250 1.96 27.53 1.52
C GLU A 250 1.48 28.44 2.65
N ARG A 251 1.23 29.70 2.33
CA ARG A 251 0.83 30.67 3.35
C ARG A 251 -0.56 30.36 3.89
N VAL A 252 -1.46 29.90 3.02
CA VAL A 252 -2.80 29.52 3.43
C VAL A 252 -2.73 28.33 4.41
N VAL A 253 -1.91 27.34 4.09
CA VAL A 253 -1.73 26.19 4.98
C VAL A 253 -1.16 26.63 6.35
N LYS A 254 -0.12 27.45 6.30
N LYS A 254 -0.12 27.45 6.31
CA LYS A 254 0.53 27.91 7.53
CA LYS A 254 0.52 27.89 7.56
C LYS A 254 -0.45 28.67 8.43
C LYS A 254 -0.45 28.68 8.43
N ALA A 255 -1.23 29.56 7.81
CA ALA A 255 -2.23 30.36 8.54
C ALA A 255 -3.28 29.46 9.20
N ALA A 256 -3.69 28.39 8.50
CA ALA A 256 -4.67 27.45 9.04
C ALA A 256 -4.13 26.67 10.23
N GLU A 257 -2.83 26.41 10.22
CA GLU A 257 -2.16 25.71 11.33
C GLU A 257 -2.32 26.52 12.63
N GLU A 258 -2.29 27.84 12.49
N GLU A 258 -2.32 27.85 12.49
CA GLU A 258 -2.46 28.74 13.62
CA GLU A 258 -2.44 28.76 13.63
C GLU A 258 -3.95 28.84 14.02
C GLU A 258 -3.89 29.13 14.00
N LEU A 259 -4.80 29.11 13.03
CA LEU A 259 -6.19 29.52 13.26
C LEU A 259 -7.22 28.44 13.57
N MET A 260 -7.05 27.26 12.97
CA MET A 260 -8.15 26.30 12.95
C MET A 260 -7.72 24.84 13.08
N GLY A 261 -6.48 24.62 13.52
CA GLY A 261 -5.98 23.26 13.75
C GLY A 261 -5.42 22.61 12.50
N GLY A 262 -5.22 23.41 11.46
CA GLY A 262 -4.52 22.94 10.26
C GLY A 262 -5.39 22.79 9.04
N LEU A 263 -4.74 22.76 7.88
CA LEU A 263 -5.37 22.45 6.62
C LEU A 263 -4.54 21.39 5.94
N TRP A 264 -5.19 20.28 5.56
CA TRP A 264 -4.53 19.26 4.74
C TRP A 264 -5.50 18.67 3.73
N GLY A 265 -4.94 17.97 2.75
CA GLY A 265 -5.73 17.45 1.64
C GLY A 265 -5.89 18.51 0.56
N PRO A 266 -6.88 18.33 -0.32
CA PRO A 266 -7.04 19.25 -1.44
C PRO A 266 -7.67 20.59 -1.06
N PHE A 267 -7.28 21.63 -1.80
CA PHE A 267 -7.94 22.93 -1.71
C PHE A 267 -7.67 23.72 -2.99
N CYS A 268 -8.28 24.90 -3.08
CA CYS A 268 -8.18 25.72 -4.28
C CYS A 268 -8.34 27.18 -3.89
N LEU A 269 -7.55 28.04 -4.53
CA LEU A 269 -7.75 29.49 -4.38
C LEU A 269 -8.41 29.96 -5.67
N GLU A 270 -9.55 30.63 -5.54
CA GLU A 270 -10.34 31.02 -6.71
C GLU A 270 -10.15 32.49 -6.96
N GLY A 271 -9.69 32.85 -8.14
CA GLY A 271 -9.50 34.27 -8.41
C GLY A 271 -9.25 34.61 -9.86
N VAL A 272 -8.55 35.72 -10.06
CA VAL A 272 -8.25 36.21 -11.40
C VAL A 272 -6.79 36.66 -11.50
N PHE A 273 -6.26 36.62 -12.72
CA PHE A 273 -4.95 37.21 -13.01
C PHE A 273 -5.10 38.51 -13.79
N THR A 274 -4.55 39.58 -13.25
CA THR A 274 -4.63 40.89 -13.89
C THR A 274 -3.55 41.02 -14.97
N PRO A 275 -3.67 42.05 -15.84
CA PRO A 275 -2.64 42.30 -16.86
C PRO A 275 -1.26 42.65 -16.28
N ASP A 276 -1.20 42.97 -15.00
CA ASP A 276 0.09 43.22 -14.34
C ASP A 276 0.63 41.98 -13.64
N LEU A 277 0.09 40.81 -14.00
CA LEU A 277 0.55 39.51 -13.49
C LEU A 277 0.31 39.31 -11.99
N GLU A 278 -0.74 39.94 -11.48
CA GLU A 278 -1.15 39.83 -10.09
C GLU A 278 -2.29 38.82 -9.95
N PHE A 279 -2.14 37.87 -9.03
CA PHE A 279 -3.21 36.92 -8.68
C PHE A 279 -4.03 37.55 -7.55
N VAL A 280 -5.30 37.81 -7.83
CA VAL A 280 -6.21 38.37 -6.84
C VAL A 280 -7.27 37.32 -6.52
N VAL A 281 -7.38 36.99 -5.24
CA VAL A 281 -8.25 35.88 -4.80
C VAL A 281 -9.60 36.39 -4.31
N PHE A 282 -10.67 35.77 -4.83
CA PHE A 282 -12.02 36.08 -4.44
C PHE A 282 -12.51 35.16 -3.31
N GLU A 283 -12.10 33.88 -3.37
CA GLU A 283 -12.60 32.88 -2.44
C GLU A 283 -11.58 31.78 -2.22
N ILE A 284 -11.65 31.13 -1.06
CA ILE A 284 -10.93 29.88 -0.86
C ILE A 284 -11.93 28.73 -0.80
N SER A 285 -11.67 27.66 -1.55
CA SER A 285 -12.42 26.43 -1.40
C SER A 285 -11.48 25.45 -0.74
N ALA A 286 -11.76 25.12 0.52
CA ALA A 286 -10.83 24.31 1.30
C ALA A 286 -11.13 22.82 1.23
N ARG A 287 -11.59 22.38 0.06
CA ARG A 287 -11.86 20.97 -0.21
C ARG A 287 -11.58 20.74 -1.70
N ILE A 288 -11.72 19.50 -2.15
CA ILE A 288 -11.61 19.20 -3.59
C ILE A 288 -12.57 20.05 -4.43
N VAL A 289 -12.09 20.57 -5.55
CA VAL A 289 -12.93 21.35 -6.45
C VAL A 289 -13.18 20.59 -7.76
N ALA A 290 -14.28 20.93 -8.43
CA ALA A 290 -14.69 20.21 -9.63
C ALA A 290 -13.70 20.29 -10.79
N GLY A 291 -12.88 21.35 -10.83
CA GLY A 291 -11.84 21.47 -11.87
C GLY A 291 -10.88 20.30 -11.90
N THR A 292 -10.71 19.64 -10.75
CA THR A 292 -9.83 18.46 -10.71
C THR A 292 -10.39 17.27 -11.50
N ASN A 293 -11.71 17.29 -11.79
CA ASN A 293 -12.32 16.21 -12.59
C ASN A 293 -11.72 16.03 -13.99
N ILE A 294 -11.10 17.08 -14.52
CA ILE A 294 -10.47 16.98 -15.84
C ILE A 294 -9.30 16.00 -15.82
N PHE A 295 -8.70 15.85 -14.64
CA PHE A 295 -7.34 15.27 -14.54
C PHE A 295 -7.30 13.86 -13.98
N VAL A 296 -8.34 13.09 -14.33
CA VAL A 296 -8.39 11.66 -14.00
C VAL A 296 -7.13 10.95 -14.49
N ASN A 297 -6.65 11.31 -15.67
CA ASN A 297 -5.41 10.71 -16.18
C ASN A 297 -4.17 11.58 -15.90
N GLY A 298 -4.18 12.24 -14.75
CA GLY A 298 -3.08 13.17 -14.38
C GLY A 298 -3.24 14.52 -15.06
N SER A 299 -2.29 15.41 -14.79
CA SER A 299 -2.33 16.77 -15.33
C SER A 299 -0.95 17.16 -15.85
N PRO A 300 -0.87 18.30 -16.54
CA PRO A 300 0.44 18.80 -17.00
C PRO A 300 1.42 19.04 -15.86
N TYR A 301 0.89 19.17 -14.64
CA TYR A 301 1.73 19.35 -13.46
C TYR A 301 2.13 18.04 -12.80
N THR A 302 1.18 17.13 -12.62
CA THR A 302 1.54 15.86 -11.98
C THR A 302 2.50 15.03 -12.84
N TRP A 303 2.37 15.15 -14.16
CA TRP A 303 3.25 14.37 -15.04
C TRP A 303 4.69 14.93 -15.09
N LEU A 304 4.92 16.08 -14.45
CA LEU A 304 6.29 16.56 -14.21
C LEU A 304 6.97 15.82 -13.07
N ARG A 305 6.19 15.22 -12.18
CA ARG A 305 6.79 14.65 -10.96
C ARG A 305 6.41 13.22 -10.59
N TYR A 306 5.46 12.64 -11.33
CA TYR A 306 5.10 11.23 -11.17
C TYR A 306 5.25 10.45 -12.49
N ASP A 307 5.43 9.14 -12.34
N ASP A 307 5.44 9.13 -12.39
CA ASP A 307 5.57 8.20 -13.45
CA ASP A 307 5.55 8.30 -13.59
C ASP A 307 4.26 7.50 -13.80
C ASP A 307 4.22 7.64 -13.98
N ARG A 308 3.16 8.03 -13.27
CA ARG A 308 1.85 7.45 -13.45
C ARG A 308 0.80 8.55 -13.31
N PRO A 309 -0.42 8.31 -13.82
CA PRO A 309 -1.47 9.33 -13.73
C PRO A 309 -1.93 9.54 -12.30
N VAL A 310 -1.94 10.79 -11.84
CA VAL A 310 -2.37 11.10 -10.48
C VAL A 310 -3.36 12.25 -10.48
N SER A 311 -4.64 11.92 -10.29
CA SER A 311 -5.68 12.91 -10.10
C SER A 311 -5.66 13.35 -8.64
N THR A 312 -6.41 14.40 -8.31
CA THR A 312 -6.55 14.77 -6.90
C THR A 312 -7.22 13.62 -6.13
N GLY A 313 -8.22 12.97 -6.75
CA GLY A 313 -8.84 11.79 -6.13
C GLY A 313 -7.82 10.70 -5.82
N ARG A 314 -6.96 10.38 -6.79
CA ARG A 314 -5.92 9.38 -6.53
C ARG A 314 -4.96 9.85 -5.44
N ARG A 315 -4.62 11.13 -5.45
CA ARG A 315 -3.71 11.68 -4.44
C ARG A 315 -4.26 11.57 -3.03
N ILE A 316 -5.57 11.80 -2.89
CA ILE A 316 -6.25 11.59 -1.60
C ILE A 316 -6.09 10.14 -1.13
N ALA A 317 -6.40 9.19 -2.02
CA ALA A 317 -6.28 7.77 -1.70
C ALA A 317 -4.84 7.39 -1.37
N MET A 318 -3.87 7.97 -2.10
CA MET A 318 -2.45 7.77 -1.81
C MET A 318 -2.07 8.21 -0.40
N GLU A 319 -2.57 9.37 -0.01
CA GLU A 319 -2.38 9.90 1.35
C GLU A 319 -2.97 8.98 2.43
N ILE A 320 -4.19 8.51 2.21
CA ILE A 320 -4.84 7.60 3.16
C ILE A 320 -4.04 6.29 3.25
N ARG A 321 -3.62 5.75 2.11
N ARG A 321 -3.65 5.76 2.09
CA ARG A 321 -2.79 4.55 2.10
CA ARG A 321 -2.83 4.55 2.01
C ARG A 321 -1.48 4.76 2.87
C ARG A 321 -1.52 4.73 2.78
N GLU A 322 -0.77 5.84 2.55
N GLU A 322 -0.81 5.83 2.51
CA GLU A 322 0.51 6.11 3.20
CA GLU A 322 0.47 6.04 3.19
C GLU A 322 0.35 6.35 4.69
C GLU A 322 0.27 6.19 4.69
N ALA A 323 -0.79 6.92 5.09
CA ALA A 323 -1.09 7.10 6.52
C ALA A 323 -1.26 5.74 7.20
N ILE A 324 -1.98 4.83 6.55
CA ILE A 324 -2.18 3.47 7.07
C ILE A 324 -0.85 2.74 7.14
N GLU A 325 -0.08 2.80 6.05
CA GLU A 325 1.23 2.19 5.97
C GLU A 325 2.20 2.64 7.07
N ASN A 326 2.11 3.91 7.46
N ASN A 326 2.10 3.91 7.47
CA ASN A 326 2.99 4.51 8.48
CA ASN A 326 2.98 4.47 8.49
C ASN A 326 2.36 4.62 9.88
C ASN A 326 2.31 4.69 9.85
N ASP A 327 1.25 3.91 10.09
CA ASP A 327 0.48 3.94 11.36
C ASP A 327 0.17 5.34 11.88
N MET A 328 -0.36 6.18 10.99
CA MET A 328 -0.75 7.54 11.36
C MET A 328 -2.07 7.98 10.72
N LEU A 329 -2.97 7.03 10.52
CA LEU A 329 -4.26 7.34 9.90
C LEU A 329 -5.04 8.37 10.71
N GLU A 330 -4.98 8.25 12.04
CA GLU A 330 -5.71 9.17 12.91
C GLU A 330 -5.33 10.64 12.68
N LYS A 331 -4.08 10.87 12.27
CA LYS A 331 -3.56 12.21 12.01
C LYS A 331 -4.21 12.93 10.82
N VAL A 332 -4.76 12.18 9.87
CA VAL A 332 -5.36 12.80 8.69
C VAL A 332 -6.89 12.81 8.73
N LEU A 333 -7.46 12.29 9.82
CA LEU A 333 -8.91 12.21 9.95
C LEU A 333 -9.40 13.08 11.10
N THR A 334 -10.59 13.65 10.95
CA THR A 334 -11.27 14.29 12.08
C THR A 334 -12.70 13.79 12.24
N MET B 1 6.55 2.62 4.90
N MET B 1 6.28 2.54 4.93
CA MET B 1 5.80 1.69 5.78
CA MET B 1 5.89 1.38 5.77
C MET B 1 6.17 1.93 7.25
C MET B 1 6.34 1.58 7.22
N LYS B 2 5.47 1.27 8.17
CA LYS B 2 5.75 1.42 9.62
C LYS B 2 6.89 0.50 10.09
N VAL B 3 7.36 -0.32 9.16
N VAL B 3 7.29 -0.42 9.22
CA VAL B 3 8.31 -1.39 9.43
CA VAL B 3 8.40 -1.32 9.53
C VAL B 3 9.36 -1.45 8.31
C VAL B 3 9.37 -1.43 8.35
N ARG B 4 10.59 -1.81 8.68
CA ARG B 4 11.62 -2.12 7.68
C ARG B 4 11.80 -3.63 7.72
N ILE B 5 12.22 -4.22 6.60
CA ILE B 5 12.42 -5.66 6.54
C ILE B 5 13.91 -5.94 6.65
N ALA B 6 14.27 -6.82 7.59
CA ALA B 6 15.66 -7.15 7.85
C ALA B 6 15.88 -8.65 7.72
N THR B 7 17.07 -9.03 7.30
CA THR B 7 17.43 -10.45 7.27
C THR B 7 18.94 -10.66 7.41
N TYR B 8 19.32 -11.85 7.84
CA TYR B 8 20.73 -12.24 7.92
C TYR B 8 21.33 -12.34 6.52
N ALA B 9 22.56 -11.87 6.37
CA ALA B 9 23.24 -11.79 5.07
C ALA B 9 23.80 -13.14 4.59
N SER B 10 22.89 -14.07 4.29
CA SER B 10 23.24 -15.35 3.68
C SER B 10 21.96 -16.03 3.17
N HIS B 11 22.15 -17.15 2.49
CA HIS B 11 21.09 -18.11 2.15
C HIS B 11 20.10 -17.64 1.07
N SER B 12 19.39 -16.55 1.34
CA SER B 12 18.34 -16.07 0.42
C SER B 12 18.08 -14.58 0.63
N ALA B 13 19.01 -13.90 1.28
CA ALA B 13 18.84 -12.48 1.59
C ALA B 13 18.69 -11.60 0.34
N LEU B 14 19.38 -11.95 -0.75
CA LEU B 14 19.22 -11.17 -1.98
C LEU B 14 17.76 -11.17 -2.43
N GLN B 15 17.18 -12.37 -2.52
CA GLN B 15 15.78 -12.54 -2.93
C GLN B 15 14.82 -11.85 -1.95
N ILE B 16 15.07 -12.06 -0.65
CA ILE B 16 14.21 -11.51 0.39
C ILE B 16 14.19 -9.99 0.31
N LEU B 17 15.38 -9.40 0.25
CA LEU B 17 15.47 -7.93 0.27
C LEU B 17 15.02 -7.30 -1.05
N LYS B 18 15.29 -7.96 -2.18
CA LYS B 18 14.74 -7.48 -3.46
C LYS B 18 13.21 -7.48 -3.41
N GLY B 19 12.62 -8.56 -2.89
CA GLY B 19 11.16 -8.65 -2.76
C GLY B 19 10.61 -7.54 -1.87
N ALA B 20 11.30 -7.24 -0.78
CA ALA B 20 10.90 -6.18 0.13
C ALA B 20 10.94 -4.81 -0.56
N LYS B 21 12.01 -4.55 -1.30
CA LYS B 21 12.13 -3.31 -2.06
C LYS B 21 11.00 -3.18 -3.07
N ASP B 22 10.68 -4.29 -3.74
CA ASP B 22 9.61 -4.33 -4.73
C ASP B 22 8.25 -3.97 -4.14
N GLU B 23 8.09 -4.24 -2.84
CA GLU B 23 6.83 -3.95 -2.15
C GLU B 23 6.85 -2.64 -1.35
N GLY B 24 7.92 -1.86 -1.50
CA GLY B 24 7.97 -0.51 -0.92
C GLY B 24 8.55 -0.39 0.48
N PHE B 25 9.26 -1.44 0.92
CA PHE B 25 9.93 -1.42 2.21
C PHE B 25 11.37 -0.97 2.09
N GLU B 26 11.87 -0.33 3.14
CA GLU B 26 13.32 -0.16 3.30
C GLU B 26 13.91 -1.44 3.88
N THR B 27 15.16 -1.71 3.53
CA THR B 27 15.75 -3.02 3.79
C THR B 27 17.04 -2.98 4.59
N ILE B 28 17.25 -4.02 5.39
CA ILE B 28 18.43 -4.14 6.22
C ILE B 28 19.00 -5.55 6.07
N ALA B 29 20.29 -5.64 5.77
CA ALA B 29 21.00 -6.91 5.86
C ALA B 29 21.98 -6.82 7.01
N PHE B 30 22.12 -7.90 7.75
CA PHE B 30 23.12 -7.95 8.82
C PHE B 30 23.90 -9.25 8.78
N GLY B 31 25.21 -9.13 8.96
CA GLY B 31 26.06 -10.31 8.89
C GLY B 31 27.53 -9.95 8.78
N SER B 32 28.25 -10.76 8.01
N SER B 32 28.27 -10.77 8.05
CA SER B 32 29.70 -10.63 7.90
CA SER B 32 29.73 -10.63 7.97
C SER B 32 30.12 -9.46 7.03
C SER B 32 30.16 -9.49 7.06
N SER B 33 31.15 -8.74 7.48
N SER B 33 31.17 -8.74 7.49
CA SER B 33 31.77 -7.68 6.72
CA SER B 33 31.72 -7.66 6.69
C SER B 33 32.18 -8.12 5.31
C SER B 33 32.16 -8.12 5.30
N LYS B 34 32.63 -9.37 5.20
CA LYS B 34 33.13 -9.93 3.93
C LYS B 34 32.10 -9.88 2.80
N VAL B 35 30.83 -10.02 3.14
CA VAL B 35 29.77 -10.09 2.13
C VAL B 35 29.01 -8.79 1.92
N LYS B 36 29.40 -7.73 2.63
CA LYS B 36 28.75 -6.42 2.45
C LYS B 36 28.63 -5.97 0.98
N PRO B 37 29.72 -6.08 0.17
CA PRO B 37 29.62 -5.70 -1.24
C PRO B 37 28.54 -6.45 -2.04
N LEU B 38 28.26 -7.70 -1.67
CA LEU B 38 27.25 -8.47 -2.39
C LEU B 38 25.87 -7.79 -2.35
N TYR B 39 25.53 -7.25 -1.19
CA TYR B 39 24.20 -6.71 -0.92
C TYR B 39 24.07 -5.22 -1.16
N THR B 40 25.22 -4.57 -1.41
CA THR B 40 25.25 -3.10 -1.54
C THR B 40 25.86 -2.60 -2.84
N LYS B 41 26.67 -3.44 -3.49
CA LYS B 41 27.35 -3.04 -4.74
C LYS B 41 26.95 -3.93 -5.90
N TYR B 42 27.22 -5.23 -5.78
CA TYR B 42 26.95 -6.16 -6.88
C TYR B 42 25.45 -6.35 -7.12
N PHE B 43 24.70 -6.47 -6.02
CA PHE B 43 23.24 -6.50 -6.08
C PHE B 43 22.74 -5.56 -5.00
N PRO B 44 22.56 -4.28 -5.34
CA PRO B 44 22.20 -3.30 -4.31
C PRO B 44 20.74 -3.44 -3.87
N VAL B 45 20.54 -4.32 -2.88
CA VAL B 45 19.19 -4.61 -2.35
C VAL B 45 19.04 -4.20 -0.89
N ALA B 46 20.16 -3.91 -0.23
CA ALA B 46 20.16 -3.53 1.20
C ALA B 46 20.39 -2.03 1.37
N ASP B 47 19.39 -1.34 1.93
CA ASP B 47 19.52 0.08 2.22
C ASP B 47 20.49 0.34 3.36
N TYR B 48 20.51 -0.60 4.31
CA TYR B 48 21.41 -0.57 5.46
C TYR B 48 22.10 -1.91 5.54
N PHE B 49 23.39 -1.90 5.82
CA PHE B 49 24.11 -3.13 6.13
C PHE B 49 24.78 -2.99 7.49
N ILE B 50 24.44 -3.89 8.40
CA ILE B 50 25.03 -3.88 9.74
C ILE B 50 26.00 -5.05 9.87
N GLU B 51 27.25 -4.73 10.18
N GLU B 51 27.26 -4.73 10.17
CA GLU B 51 28.31 -5.73 10.21
CA GLU B 51 28.32 -5.73 10.21
C GLU B 51 28.38 -6.44 11.56
C GLU B 51 28.39 -6.47 11.55
N GLU B 52 27.26 -7.02 11.96
CA GLU B 52 27.15 -7.80 13.21
C GLU B 52 26.25 -9.01 12.99
N LYS B 53 26.49 -10.06 13.77
CA LYS B 53 25.73 -11.32 13.71
C LYS B 53 24.26 -11.13 14.05
N TYR B 54 23.99 -10.40 15.13
CA TYR B 54 22.62 -10.06 15.52
C TYR B 54 22.59 -8.73 16.28
N PRO B 55 22.46 -7.61 15.54
CA PRO B 55 22.44 -6.28 16.13
C PRO B 55 21.07 -5.88 16.66
N GLU B 56 20.67 -6.50 17.78
CA GLU B 56 19.33 -6.33 18.31
C GLU B 56 18.92 -4.88 18.54
N GLU B 57 19.78 -4.12 19.22
CA GLU B 57 19.47 -2.72 19.54
C GLU B 57 19.21 -1.87 18.30
N GLU B 58 20.10 -1.98 17.31
N GLU B 58 20.10 -1.96 17.31
CA GLU B 58 19.99 -1.21 16.07
CA GLU B 58 19.95 -1.17 16.09
C GLU B 58 18.76 -1.60 15.26
C GLU B 58 18.72 -1.59 15.28
N LEU B 59 18.43 -2.89 15.26
CA LEU B 59 17.24 -3.39 14.56
C LEU B 59 15.94 -2.89 15.19
N LEU B 60 15.92 -2.82 16.52
CA LEU B 60 14.78 -2.23 17.22
C LEU B 60 14.65 -0.74 16.90
N ASN B 61 15.78 -0.03 16.90
CA ASN B 61 15.81 1.39 16.57
C ASN B 61 15.34 1.68 15.14
N LEU B 62 15.59 0.72 14.23
CA LEU B 62 15.20 0.84 12.83
C LEU B 62 13.81 0.27 12.53
N ASN B 63 13.07 -0.11 13.57
CA ASN B 63 11.72 -0.69 13.44
C ASN B 63 11.69 -1.88 12.48
N ALA B 64 12.70 -2.74 12.61
CA ALA B 64 12.84 -3.90 11.76
C ALA B 64 11.91 -5.05 12.16
N VAL B 65 11.46 -5.77 11.14
CA VAL B 65 10.91 -7.12 11.28
C VAL B 65 11.93 -8.02 10.62
N VAL B 66 12.31 -9.11 11.29
CA VAL B 66 13.26 -10.07 10.72
C VAL B 66 12.53 -11.18 9.97
N VAL B 67 12.90 -11.36 8.70
CA VAL B 67 12.46 -12.51 7.91
C VAL B 67 13.55 -13.56 8.07
N PRO B 68 13.23 -14.71 8.67
CA PRO B 68 14.27 -15.72 8.89
C PRO B 68 14.66 -16.38 7.56
N THR B 69 15.96 -16.46 7.29
CA THR B 69 16.46 -17.24 6.16
C THR B 69 16.43 -18.71 6.53
N GLY B 70 16.73 -19.57 5.55
CA GLY B 70 16.81 -21.02 5.76
C GLY B 70 18.03 -21.50 6.52
N SER B 71 18.96 -20.58 6.83
CA SER B 71 20.13 -20.92 7.65
C SER B 71 20.26 -20.01 8.87
N PHE B 72 19.16 -19.35 9.24
CA PHE B 72 19.15 -18.34 10.30
C PHE B 72 19.65 -18.92 11.63
N VAL B 73 19.10 -20.08 12.00
CA VAL B 73 19.44 -20.75 13.26
C VAL B 73 20.87 -21.29 13.22
N ALA B 74 21.29 -21.78 12.05
CA ALA B 74 22.66 -22.29 11.89
C ALA B 74 23.71 -21.25 12.28
N HIS B 75 23.47 -19.99 11.91
CA HIS B 75 24.43 -18.91 12.15
C HIS B 75 24.31 -18.28 13.55
N LEU B 76 23.11 -18.31 14.13
CA LEU B 76 22.83 -17.59 15.38
C LEU B 76 22.61 -18.47 16.60
N GLY B 77 22.11 -19.69 16.39
CA GLY B 77 21.81 -20.60 17.48
C GLY B 77 20.34 -20.52 17.88
N ILE B 78 19.75 -21.67 18.18
CA ILE B 78 18.32 -21.79 18.47
C ILE B 78 17.86 -20.91 19.66
N GLU B 79 18.68 -20.87 20.71
CA GLU B 79 18.34 -20.11 21.91
C GLU B 79 18.27 -18.62 21.64
N LEU B 80 19.26 -18.09 20.91
CA LEU B 80 19.29 -16.68 20.55
C LEU B 80 18.06 -16.31 19.72
N VAL B 81 17.71 -17.15 18.76
CA VAL B 81 16.56 -16.88 17.90
C VAL B 81 15.24 -16.94 18.68
N GLU B 82 15.04 -17.99 19.47
CA GLU B 82 13.81 -18.13 20.25
C GLU B 82 13.58 -16.95 21.19
N ASN B 83 14.66 -16.36 21.69
CA ASN B 83 14.58 -15.27 22.66
C ASN B 83 14.78 -13.87 22.09
N MET B 84 14.94 -13.75 20.78
CA MET B 84 15.15 -12.45 20.16
C MET B 84 13.97 -11.50 20.42
N LYS B 85 14.28 -10.23 20.67
CA LYS B 85 13.25 -9.23 20.95
C LYS B 85 12.75 -8.53 19.68
N VAL B 86 13.52 -8.61 18.61
CA VAL B 86 13.10 -8.07 17.31
C VAL B 86 12.00 -8.98 16.75
N PRO B 87 10.87 -8.39 16.30
CA PRO B 87 9.78 -9.20 15.76
C PRO B 87 10.25 -10.09 14.62
N TYR B 88 9.69 -11.29 14.56
CA TYR B 88 10.14 -12.37 13.68
C TYR B 88 8.97 -12.79 12.79
N PHE B 89 9.18 -12.81 11.47
CA PHE B 89 8.13 -13.21 10.54
C PHE B 89 8.01 -14.74 10.51
N GLY B 90 6.91 -15.24 11.05
CA GLY B 90 6.68 -16.67 11.18
C GLY B 90 6.51 -17.04 12.64
N ASN B 91 6.39 -18.34 12.89
CA ASN B 91 6.19 -18.86 14.24
C ASN B 91 7.48 -19.45 14.77
N LYS B 92 8.07 -18.79 15.77
CA LYS B 92 9.35 -19.27 16.35
C LYS B 92 9.25 -20.68 16.95
N ARG B 93 8.05 -21.09 17.33
CA ARG B 93 7.83 -22.43 17.89
C ARG B 93 8.13 -23.57 16.91
N VAL B 94 8.08 -23.27 15.62
N VAL B 94 8.07 -23.30 15.61
CA VAL B 94 8.31 -24.27 14.57
CA VAL B 94 8.31 -24.34 14.60
C VAL B 94 9.76 -24.74 14.55
C VAL B 94 9.78 -24.72 14.47
N LEU B 95 10.66 -23.87 14.98
CA LEU B 95 12.11 -24.10 14.88
C LEU B 95 12.57 -25.43 15.50
N ARG B 96 12.05 -25.76 16.67
CA ARG B 96 12.40 -27.05 17.29
C ARG B 96 11.76 -28.24 16.57
N TRP B 97 10.55 -28.04 16.07
CA TRP B 97 9.79 -29.10 15.41
C TRP B 97 10.38 -29.50 14.05
N GLU B 98 11.02 -28.54 13.37
CA GLU B 98 11.63 -28.84 12.08
C GLU B 98 13.06 -29.37 12.19
N SER B 99 13.69 -29.15 13.34
N SER B 99 13.69 -29.16 13.34
CA SER B 99 15.10 -29.46 13.54
CA SER B 99 15.12 -29.47 13.51
C SER B 99 15.33 -30.81 14.20
C SER B 99 15.40 -30.76 14.27
N ASP B 100 14.53 -31.10 15.22
CA ASP B 100 14.66 -32.33 15.99
C ASP B 100 14.08 -33.48 15.17
N ARG B 101 14.94 -34.46 14.88
CA ARG B 101 14.57 -35.63 14.06
C ARG B 101 13.27 -36.30 14.49
N ASN B 102 13.10 -36.47 15.80
CA ASN B 102 11.93 -37.14 16.36
C ASN B 102 10.66 -36.30 16.22
N LEU B 103 10.76 -35.00 16.53
CA LEU B 103 9.61 -34.10 16.40
C LEU B 103 9.21 -33.90 14.95
N GLU B 104 10.22 -33.81 14.08
CA GLU B 104 10.00 -33.65 12.64
C GLU B 104 9.19 -34.83 12.10
N ARG B 105 9.59 -36.04 12.50
CA ARG B 105 8.90 -37.24 12.09
C ARG B 105 7.47 -37.31 12.66
N LYS B 106 7.31 -36.92 13.93
N LYS B 106 7.32 -36.90 13.92
CA LYS B 106 6.01 -36.86 14.59
CA LYS B 106 6.03 -36.85 14.61
C LYS B 106 5.07 -35.93 13.81
C LYS B 106 5.06 -35.88 13.93
N TRP B 107 5.61 -34.78 13.39
CA TRP B 107 4.84 -33.79 12.64
C TRP B 107 4.40 -34.37 11.30
N LEU B 108 5.33 -34.98 10.57
CA LEU B 108 5.02 -35.57 9.27
C LEU B 108 3.97 -36.67 9.39
N LYS B 109 4.09 -37.49 10.44
CA LYS B 109 3.12 -38.55 10.70
C LYS B 109 1.74 -37.97 11.02
N LYS B 110 1.70 -36.92 11.83
N LYS B 110 1.70 -36.91 11.82
CA LYS B 110 0.44 -36.24 12.17
CA LYS B 110 0.44 -36.24 12.18
C LYS B 110 -0.24 -35.75 10.90
C LYS B 110 -0.24 -35.62 10.96
N ALA B 111 0.57 -35.19 9.99
CA ALA B 111 0.08 -34.64 8.73
C ALA B 111 -0.24 -35.71 7.67
N GLY B 112 -0.10 -36.99 8.03
CA GLY B 112 -0.36 -38.09 7.10
C GLY B 112 0.50 -38.02 5.85
N ILE B 113 1.76 -37.68 6.04
CA ILE B 113 2.73 -37.63 4.95
C ILE B 113 3.50 -38.95 4.88
N ARG B 114 3.68 -39.45 3.66
CA ARG B 114 4.46 -40.66 3.42
C ARG B 114 5.93 -40.40 3.71
N VAL B 115 6.49 -41.19 4.63
CA VAL B 115 7.90 -41.07 5.03
C VAL B 115 8.51 -42.48 5.04
N PRO B 116 9.85 -42.58 4.97
CA PRO B 116 10.46 -43.92 5.05
C PRO B 116 10.15 -44.63 6.37
N GLU B 117 9.89 -45.94 6.29
CA GLU B 117 9.69 -46.75 7.49
C GLU B 117 10.99 -46.82 8.31
N VAL B 118 10.85 -46.86 9.63
CA VAL B 118 12.01 -46.99 10.51
C VAL B 118 11.95 -48.34 11.24
N TYR B 119 13.11 -49.01 11.29
CA TYR B 119 13.23 -50.30 11.96
C TYR B 119 14.15 -50.18 13.19
N GLU B 120 13.56 -50.35 14.37
CA GLU B 120 14.33 -50.31 15.62
C GLU B 120 15.11 -51.62 15.81
N ASP B 121 14.52 -52.72 15.35
CA ASP B 121 15.12 -54.04 15.46
C ASP B 121 15.47 -54.57 14.06
N PRO B 122 16.79 -54.75 13.79
CA PRO B 122 17.30 -55.27 12.51
C PRO B 122 16.65 -56.58 12.04
N ASP B 123 16.15 -57.37 12.99
CA ASP B 123 15.49 -58.64 12.64
C ASP B 123 14.12 -58.43 11.97
N ASP B 124 13.63 -57.20 11.98
CA ASP B 124 12.35 -56.86 11.37
C ASP B 124 12.46 -56.43 9.89
N ILE B 125 13.69 -56.29 9.40
CA ILE B 125 13.95 -55.87 8.02
C ILE B 125 13.37 -56.87 7.01
N GLU B 126 12.46 -56.39 6.17
CA GLU B 126 11.84 -57.22 5.12
C GLU B 126 12.19 -56.72 3.73
N LYS B 127 12.34 -55.41 3.59
CA LYS B 127 12.74 -54.78 2.33
C LYS B 127 14.08 -54.06 2.51
N PRO B 128 14.80 -53.78 1.39
CA PRO B 128 16.10 -53.12 1.49
C PRO B 128 16.08 -51.87 2.36
N VAL B 129 17.09 -51.72 3.21
CA VAL B 129 17.19 -50.61 4.14
C VAL B 129 18.48 -49.82 3.96
N ILE B 130 18.45 -48.55 4.36
CA ILE B 130 19.65 -47.74 4.47
C ILE B 130 20.02 -47.61 5.95
N VAL B 131 21.29 -47.86 6.24
CA VAL B 131 21.79 -47.78 7.61
C VAL B 131 22.63 -46.52 7.75
N LYS B 132 22.27 -45.70 8.74
CA LYS B 132 22.92 -44.40 8.95
C LYS B 132 23.66 -44.37 10.29
N PRO B 133 24.99 -44.58 10.27
CA PRO B 133 25.79 -44.50 11.49
C PRO B 133 26.01 -43.05 11.94
N GLY B 139 26.14 -37.85 5.63
CA GLY B 139 25.99 -39.06 4.81
C GLY B 139 27.17 -40.01 4.87
N LYS B 140 28.04 -39.82 5.87
CA LYS B 140 29.24 -40.64 6.00
C LYS B 140 28.99 -42.01 6.65
N GLY B 141 29.49 -43.05 6.00
CA GLY B 141 29.34 -44.42 6.48
C GLY B 141 28.02 -45.09 6.11
N TYR B 142 27.21 -44.41 5.30
CA TYR B 142 25.89 -44.90 4.90
C TYR B 142 26.01 -46.11 3.98
N PHE B 143 25.26 -47.16 4.30
CA PHE B 143 25.25 -48.38 3.47
C PHE B 143 23.88 -49.04 3.43
N LEU B 144 23.68 -49.89 2.42
CA LEU B 144 22.42 -50.62 2.25
C LEU B 144 22.50 -52.05 2.76
N ALA B 145 21.37 -52.55 3.26
CA ALA B 145 21.24 -53.95 3.67
C ALA B 145 19.95 -54.55 3.11
N LYS B 146 20.04 -55.79 2.64
CA LYS B 146 18.92 -56.47 1.97
C LYS B 146 17.95 -57.12 2.95
N ASP B 147 18.49 -57.68 4.02
CA ASP B 147 17.75 -58.51 4.97
C ASP B 147 18.47 -58.54 6.33
N PRO B 148 17.86 -59.20 7.34
CA PRO B 148 18.52 -59.27 8.66
C PRO B 148 19.93 -59.89 8.60
N GLU B 149 20.10 -60.96 7.83
CA GLU B 149 21.39 -61.63 7.69
C GLU B 149 22.43 -60.70 7.07
N ASP B 150 22.02 -60.01 6.00
CA ASP B 150 22.88 -59.05 5.29
C ASP B 150 23.26 -57.86 6.18
N PHE B 151 22.32 -57.42 7.02
CA PHE B 151 22.58 -56.33 7.96
C PHE B 151 23.69 -56.68 8.95
N TRP B 152 23.54 -57.83 9.62
CA TRP B 152 24.48 -58.24 10.67
C TRP B 152 25.89 -58.46 10.15
N ARG B 153 26.01 -59.01 8.95
CA ARG B 153 27.31 -59.19 8.28
C ARG B 153 28.00 -57.84 8.08
N LYS B 154 27.26 -56.86 7.57
CA LYS B 154 27.79 -55.53 7.26
C LYS B 154 28.00 -54.67 8.51
N ALA B 155 27.13 -54.85 9.50
CA ALA B 155 27.27 -54.16 10.79
C ALA B 155 28.54 -54.59 11.52
N GLU B 156 28.89 -55.86 11.36
CA GLU B 156 30.12 -56.42 11.91
C GLU B 156 31.35 -55.99 11.11
N LYS B 157 31.19 -55.88 9.80
CA LYS B 157 32.28 -55.56 8.89
C LYS B 157 32.69 -54.08 8.96
N PHE B 158 31.71 -53.19 8.82
CA PHE B 158 31.98 -51.75 8.73
C PHE B 158 31.95 -51.01 10.07
N LEU B 159 31.17 -51.53 11.02
CA LEU B 159 30.96 -50.86 12.31
C LEU B 159 31.44 -51.69 13.50
N GLY B 160 31.66 -52.99 13.28
CA GLY B 160 32.12 -53.89 14.34
C GLY B 160 31.04 -54.21 15.36
N ILE B 161 29.80 -54.29 14.89
CA ILE B 161 28.64 -54.52 15.76
C ILE B 161 28.01 -55.90 15.46
N LYS B 162 27.80 -56.68 16.52
CA LYS B 162 27.18 -57.99 16.41
C LYS B 162 26.12 -58.25 17.50
N ARG B 163 25.82 -57.20 18.26
CA ARG B 163 24.79 -57.26 19.30
C ARG B 163 23.75 -56.15 19.13
N LYS B 164 22.54 -56.40 19.63
CA LYS B 164 21.44 -55.42 19.58
C LYS B 164 21.67 -54.27 20.57
N GLU B 165 22.46 -54.53 21.61
CA GLU B 165 22.76 -53.55 22.65
C GLU B 165 23.70 -52.45 22.15
N ASP B 166 24.56 -52.80 21.21
CA ASP B 166 25.54 -51.87 20.63
C ASP B 166 24.90 -50.87 19.65
N LEU B 167 23.63 -51.11 19.32
CA LEU B 167 22.86 -50.20 18.47
C LEU B 167 22.09 -49.20 19.32
N LYS B 168 22.45 -47.93 19.21
CA LYS B 168 21.79 -46.86 19.95
C LYS B 168 21.78 -45.53 19.20
N ASN B 169 22.88 -45.24 18.49
CA ASN B 169 22.99 -44.01 17.71
C ASN B 169 22.55 -44.18 16.26
N ILE B 170 22.76 -45.37 15.70
CA ILE B 170 22.48 -45.64 14.28
C ILE B 170 20.98 -45.73 13.99
N GLN B 171 20.62 -45.38 12.76
CA GLN B 171 19.24 -45.47 12.31
C GLN B 171 19.10 -46.44 11.14
N ILE B 172 18.04 -47.23 11.16
CA ILE B 172 17.75 -48.17 10.07
C ILE B 172 16.43 -47.77 9.41
N GLN B 173 16.53 -47.28 8.17
CA GLN B 173 15.37 -46.77 7.44
C GLN B 173 15.11 -47.56 6.18
N GLU B 174 13.82 -47.70 5.84
CA GLU B 174 13.43 -48.19 4.52
C GLU B 174 14.14 -47.35 3.46
N TYR B 175 14.82 -48.02 2.54
CA TYR B 175 15.48 -47.32 1.44
C TYR B 175 14.47 -47.02 0.34
N VAL B 176 14.32 -45.74 0.01
CA VAL B 176 13.34 -45.33 -0.99
C VAL B 176 14.06 -44.71 -2.19
N LEU B 177 13.98 -45.37 -3.33
CA LEU B 177 14.62 -44.88 -4.55
C LEU B 177 13.67 -44.02 -5.37
N GLY B 178 14.05 -42.76 -5.56
CA GLY B 178 13.27 -41.83 -6.38
C GLY B 178 14.09 -40.61 -6.75
N VAL B 179 13.52 -39.76 -7.61
CA VAL B 179 14.21 -38.55 -8.03
C VAL B 179 13.94 -37.43 -7.02
N PRO B 180 14.98 -36.69 -6.61
CA PRO B 180 14.81 -35.61 -5.65
C PRO B 180 13.90 -34.51 -6.19
N VAL B 181 12.95 -34.08 -5.36
N VAL B 181 12.93 -34.11 -5.37
CA VAL B 181 11.98 -33.02 -5.73
CA VAL B 181 12.04 -33.00 -5.70
C VAL B 181 11.68 -32.18 -4.48
C VAL B 181 11.87 -32.16 -4.45
N TYR B 182 11.69 -30.85 -4.65
CA TYR B 182 11.56 -29.91 -3.53
C TYR B 182 10.47 -28.85 -3.84
N PRO B 183 9.20 -29.18 -3.52
CA PRO B 183 8.16 -28.17 -3.71
C PRO B 183 8.25 -27.06 -2.65
N HIS B 184 8.05 -25.82 -3.09
CA HIS B 184 8.13 -24.63 -2.24
C HIS B 184 6.73 -24.07 -2.05
N TYR B 185 6.33 -23.93 -0.79
CA TYR B 185 4.99 -23.49 -0.46
C TYR B 185 5.00 -22.13 0.22
N PHE B 186 3.83 -21.48 0.25
CA PHE B 186 3.63 -20.31 1.09
C PHE B 186 2.23 -20.37 1.67
N TYR B 187 2.14 -20.31 2.99
CA TYR B 187 0.84 -20.22 3.64
C TYR B 187 0.60 -18.80 4.12
N SER B 188 -0.42 -18.16 3.56
CA SER B 188 -0.79 -16.81 3.98
C SER B 188 -1.73 -16.87 5.19
N LYS B 189 -1.27 -16.34 6.32
CA LYS B 189 -2.12 -16.20 7.50
C LYS B 189 -3.16 -15.11 7.32
N VAL B 190 -2.80 -14.06 6.56
CA VAL B 190 -3.72 -12.96 6.25
C VAL B 190 -4.94 -13.46 5.46
N ARG B 191 -4.67 -14.28 4.44
CA ARG B 191 -5.73 -14.77 3.53
C ARG B 191 -6.22 -16.17 3.89
N GLU B 192 -5.56 -16.82 4.85
N GLU B 192 -5.54 -16.81 4.84
CA GLU B 192 -5.81 -18.22 5.20
CA GLU B 192 -5.76 -18.21 5.25
C GLU B 192 -5.87 -19.07 3.93
C GLU B 192 -5.78 -19.16 4.04
N GLU B 193 -4.77 -19.03 3.18
N GLU B 193 -4.75 -19.03 3.19
CA GLU B 193 -4.66 -19.71 1.88
CA GLU B 193 -4.70 -19.72 1.91
C GLU B 193 -3.27 -20.28 1.71
C GLU B 193 -3.29 -20.24 1.63
N LEU B 194 -3.21 -21.49 1.17
CA LEU B 194 -1.93 -22.08 0.77
C LEU B 194 -1.69 -21.88 -0.72
N GLU B 195 -0.44 -21.56 -1.06
CA GLU B 195 0.01 -21.46 -2.44
C GLU B 195 1.20 -22.38 -2.70
N LEU B 196 1.30 -22.88 -3.93
CA LEU B 196 2.51 -23.51 -4.41
C LEU B 196 3.30 -22.43 -5.16
N MET B 197 4.51 -22.13 -4.68
CA MET B 197 5.29 -21.00 -5.19
C MET B 197 6.19 -21.37 -6.36
N SER B 198 6.74 -22.59 -6.31
CA SER B 198 7.79 -23.01 -7.21
C SER B 198 8.25 -24.39 -6.78
N ILE B 199 9.08 -25.02 -7.61
CA ILE B 199 9.67 -26.33 -7.31
C ILE B 199 11.09 -26.33 -7.83
N ASP B 200 12.00 -26.97 -7.10
CA ASP B 200 13.36 -27.11 -7.62
C ASP B 200 13.95 -28.49 -7.38
N ARG B 201 15.12 -28.73 -7.95
N ARG B 201 15.10 -28.69 -8.00
CA ARG B 201 15.92 -29.89 -7.62
CA ARG B 201 15.96 -29.86 -7.79
C ARG B 201 17.26 -29.38 -7.10
C ARG B 201 17.27 -29.30 -7.22
N ARG B 202 17.53 -29.62 -5.82
N ARG B 202 17.58 -29.70 -5.99
CA ARG B 202 18.80 -29.21 -5.25
CA ARG B 202 18.76 -29.18 -5.31
C ARG B 202 19.94 -29.80 -6.06
C ARG B 202 20.02 -29.88 -5.84
N TYR B 203 21.04 -29.07 -6.14
CA TYR B 203 22.25 -29.51 -6.84
C TYR B 203 23.33 -29.73 -5.78
N GLU B 204 23.80 -30.97 -5.66
CA GLU B 204 24.62 -31.39 -4.51
C GLU B 204 25.91 -32.06 -4.93
N SER B 205 26.96 -31.82 -4.14
CA SER B 205 28.31 -32.34 -4.42
C SER B 205 28.83 -33.16 -3.24
N ASN B 206 29.46 -34.32 -3.47
CA ASN B 206 29.80 -34.85 -4.79
C ASN B 206 28.73 -35.75 -5.42
N VAL B 207 27.59 -35.93 -4.75
CA VAL B 207 26.59 -36.90 -5.20
C VAL B 207 26.15 -36.71 -6.66
N ASP B 208 25.95 -35.45 -7.09
CA ASP B 208 25.50 -35.20 -8.46
C ASP B 208 26.63 -35.19 -9.48
N ALA B 209 27.86 -35.42 -9.01
CA ALA B 209 29.01 -35.53 -9.88
C ALA B 209 29.37 -36.97 -10.22
N ILE B 210 28.93 -37.93 -9.40
CA ILE B 210 29.43 -39.30 -9.57
C ILE B 210 28.82 -40.01 -10.79
N GLY B 211 27.64 -39.56 -11.21
CA GLY B 211 26.99 -40.11 -12.41
C GLY B 211 27.80 -39.89 -13.68
N ARG B 212 28.70 -38.90 -13.66
CA ARG B 212 29.57 -38.62 -14.80
C ARG B 212 30.82 -39.51 -14.81
N ILE B 213 30.99 -40.31 -13.76
CA ILE B 213 32.15 -41.20 -13.66
C ILE B 213 31.74 -42.62 -14.05
N PRO B 214 32.40 -43.19 -15.08
CA PRO B 214 32.08 -44.57 -15.45
C PRO B 214 32.23 -45.53 -14.27
N ALA B 215 31.37 -46.54 -14.23
CA ALA B 215 31.39 -47.55 -13.17
C ALA B 215 32.79 -48.15 -12.97
N LYS B 216 33.48 -48.45 -14.07
CA LYS B 216 34.81 -49.06 -14.00
C LYS B 216 35.80 -48.20 -13.21
N ASP B 217 35.75 -46.88 -13.44
CA ASP B 217 36.62 -45.94 -12.74
C ASP B 217 36.24 -45.80 -11.27
N GLN B 218 34.93 -45.81 -11.01
CA GLN B 218 34.41 -45.74 -9.63
C GLN B 218 34.91 -46.90 -8.78
N LEU B 219 34.88 -48.10 -9.33
CA LEU B 219 35.14 -49.32 -8.56
C LEU B 219 36.59 -49.48 -8.11
N GLU B 220 37.50 -48.73 -8.73
CA GLU B 220 38.90 -48.73 -8.32
C GLU B 220 39.12 -48.02 -6.99
N PHE B 221 38.11 -47.26 -6.55
CA PHE B 221 38.23 -46.46 -5.33
C PHE B 221 37.10 -46.73 -4.34
N ASP B 222 37.43 -46.64 -3.06
N ASP B 222 37.41 -46.60 -3.05
CA ASP B 222 36.43 -46.60 -2.02
CA ASP B 222 36.38 -46.66 -2.01
C ASP B 222 35.96 -45.16 -1.96
C ASP B 222 35.81 -45.27 -1.75
N MET B 223 34.76 -44.93 -2.48
CA MET B 223 34.25 -43.57 -2.55
C MET B 223 33.47 -43.11 -1.34
N ASP B 224 33.55 -41.80 -1.09
CA ASP B 224 32.91 -41.17 0.04
C ASP B 224 31.87 -40.21 -0.52
N ILE B 225 30.62 -40.66 -0.59
CA ILE B 225 29.54 -39.85 -1.15
C ILE B 225 29.11 -38.76 -0.17
N THR B 226 29.03 -37.53 -0.68
CA THR B 226 28.65 -36.37 0.12
C THR B 226 27.50 -35.63 -0.54
N TYR B 227 26.79 -34.84 0.27
CA TYR B 227 25.54 -34.20 -0.14
C TYR B 227 25.56 -32.69 0.13
N THR B 228 26.75 -32.09 0.01
CA THR B 228 26.91 -30.66 0.23
C THR B 228 26.07 -29.90 -0.78
N VAL B 229 25.26 -28.95 -0.31
CA VAL B 229 24.41 -28.17 -1.22
C VAL B 229 25.24 -27.10 -1.94
N ILE B 230 25.20 -27.13 -3.26
CA ILE B 230 25.95 -26.18 -4.10
C ILE B 230 25.04 -25.17 -4.78
N GLY B 231 23.85 -25.63 -5.19
CA GLY B 231 22.96 -24.78 -5.96
C GLY B 231 21.60 -25.41 -6.17
N ASN B 232 20.87 -24.87 -7.14
CA ASN B 232 19.49 -25.26 -7.39
C ASN B 232 19.17 -25.18 -8.86
N ILE B 233 18.39 -26.15 -9.33
CA ILE B 233 17.94 -26.26 -10.73
C ILE B 233 16.41 -26.18 -10.77
N PRO B 234 15.83 -25.30 -11.63
CA PRO B 234 14.37 -25.20 -11.67
C PRO B 234 13.74 -26.43 -12.31
N ILE B 235 12.60 -26.87 -11.77
CA ILE B 235 11.80 -27.89 -12.43
C ILE B 235 10.32 -27.55 -12.35
N VAL B 236 9.54 -28.23 -13.19
CA VAL B 236 8.10 -28.34 -12.96
C VAL B 236 7.76 -29.81 -12.79
N LEU B 237 6.67 -30.09 -12.10
CA LEU B 237 6.18 -31.45 -11.99
C LEU B 237 5.15 -31.78 -13.06
N ARG B 238 5.00 -33.08 -13.33
CA ARG B 238 3.84 -33.60 -14.04
C ARG B 238 2.58 -33.06 -13.38
N GLU B 239 1.69 -32.48 -14.18
CA GLU B 239 0.54 -31.74 -13.66
C GLU B 239 -0.35 -32.56 -12.72
N SER B 240 -0.55 -33.84 -13.06
CA SER B 240 -1.39 -34.72 -12.27
C SER B 240 -0.84 -35.02 -10.87
N LEU B 241 0.42 -34.65 -10.63
CA LEU B 241 1.04 -34.84 -9.33
C LEU B 241 0.81 -33.66 -8.37
N LEU B 242 0.34 -32.54 -8.93
CA LEU B 242 0.26 -31.31 -8.14
C LEU B 242 -0.76 -31.36 -7.00
N MET B 243 -1.91 -31.95 -7.26
CA MET B 243 -2.98 -31.96 -6.26
C MET B 243 -2.50 -32.63 -4.96
N ASP B 244 -1.82 -33.76 -5.09
CA ASP B 244 -1.32 -34.48 -3.91
C ASP B 244 -0.15 -33.76 -3.22
N VAL B 245 0.68 -33.08 -4.01
CA VAL B 245 1.75 -32.23 -3.47
C VAL B 245 1.12 -31.07 -2.67
N ILE B 246 0.07 -30.46 -3.22
CA ILE B 246 -0.60 -29.35 -2.55
C ILE B 246 -1.35 -29.82 -1.28
N GLU B 247 -2.02 -30.95 -1.38
CA GLU B 247 -2.73 -31.52 -0.23
C GLU B 247 -1.77 -31.85 0.91
N ALA B 248 -0.58 -32.33 0.56
CA ALA B 248 0.47 -32.60 1.57
C ALA B 248 0.81 -31.31 2.33
N GLY B 249 0.97 -30.21 1.60
CA GLY B 249 1.21 -28.90 2.22
C GLY B 249 0.08 -28.47 3.14
N GLU B 250 -1.16 -28.65 2.70
CA GLU B 250 -2.32 -28.30 3.51
C GLU B 250 -2.31 -29.09 4.82
N ARG B 251 -1.96 -30.36 4.74
CA ARG B 251 -1.99 -31.23 5.92
C ARG B 251 -0.88 -30.86 6.90
N VAL B 252 0.27 -30.46 6.36
CA VAL B 252 1.39 -30.00 7.20
C VAL B 252 0.99 -28.74 7.98
N VAL B 253 0.33 -27.80 7.32
CA VAL B 253 -0.17 -26.60 7.98
C VAL B 253 -1.19 -26.97 9.06
N LYS B 254 -2.14 -27.84 8.72
CA LYS B 254 -3.19 -28.26 9.68
C LYS B 254 -2.57 -28.92 10.92
N ALA B 255 -1.60 -29.81 10.69
CA ALA B 255 -0.93 -30.51 11.80
C ALA B 255 -0.18 -29.54 12.71
N ALA B 256 0.43 -28.51 12.12
CA ALA B 256 1.15 -27.50 12.88
C ALA B 256 0.22 -26.66 13.75
N GLU B 257 -1.00 -26.45 13.28
CA GLU B 257 -2.01 -25.70 14.03
C GLU B 257 -2.35 -26.40 15.34
N GLU B 258 -2.25 -27.73 15.32
CA GLU B 258 -2.48 -28.56 16.49
C GLU B 258 -1.24 -28.68 17.39
N LEU B 259 -0.08 -28.89 16.78
CA LEU B 259 1.14 -29.27 17.50
C LEU B 259 1.98 -28.13 18.05
N MET B 260 1.97 -26.98 17.37
CA MET B 260 2.97 -25.94 17.65
C MET B 260 2.48 -24.49 17.49
N GLY B 261 1.16 -24.30 17.44
CA GLY B 261 0.60 -22.95 17.37
C GLY B 261 0.54 -22.39 15.96
N GLY B 262 0.72 -23.26 14.97
CA GLY B 262 0.54 -22.90 13.57
C GLY B 262 1.81 -22.81 12.75
N LEU B 263 1.63 -22.88 11.44
CA LEU B 263 2.72 -22.64 10.49
C LEU B 263 2.21 -21.64 9.47
N TRP B 264 3.00 -20.59 9.24
CA TRP B 264 2.68 -19.66 8.15
C TRP B 264 3.95 -19.14 7.51
N GLY B 265 3.81 -18.54 6.33
CA GLY B 265 4.94 -18.10 5.55
C GLY B 265 5.45 -19.26 4.69
N PRO B 266 6.71 -19.16 4.23
CA PRO B 266 7.25 -20.17 3.32
C PRO B 266 7.68 -21.45 4.03
N PHE B 267 7.57 -22.57 3.31
CA PHE B 267 8.11 -23.85 3.77
C PHE B 267 8.32 -24.76 2.58
N CYS B 268 8.93 -25.92 2.82
CA CYS B 268 9.28 -26.84 1.75
C CYS B 268 9.25 -28.24 2.30
N LEU B 269 8.70 -29.16 1.51
CA LEU B 269 8.81 -30.59 1.82
C LEU B 269 9.91 -31.17 0.93
N GLU B 270 10.88 -31.84 1.55
CA GLU B 270 12.05 -32.32 0.83
C GLU B 270 11.97 -33.83 0.69
N GLY B 271 11.97 -34.31 -0.54
CA GLY B 271 11.81 -35.75 -0.75
C GLY B 271 12.14 -36.24 -2.14
N VAL B 272 11.53 -37.37 -2.49
CA VAL B 272 11.75 -38.00 -3.78
C VAL B 272 10.44 -38.47 -4.38
N PHE B 273 10.39 -38.54 -5.71
CA PHE B 273 9.26 -39.17 -6.39
C PHE B 273 9.66 -40.53 -6.92
N THR B 274 8.91 -41.56 -6.54
CA THR B 274 9.19 -42.93 -6.96
C THR B 274 8.59 -43.22 -8.33
N PRO B 275 9.01 -44.34 -8.97
CA PRO B 275 8.42 -44.72 -10.26
C PRO B 275 6.92 -45.01 -10.22
N ASP B 276 6.37 -45.20 -9.01
CA ASP B 276 4.93 -45.41 -8.83
C ASP B 276 4.20 -44.10 -8.52
N LEU B 277 4.87 -42.98 -8.77
CA LEU B 277 4.30 -41.63 -8.61
C LEU B 277 3.97 -41.29 -7.15
N GLU B 278 4.73 -41.88 -6.23
CA GLU B 278 4.62 -41.59 -4.80
C GLU B 278 5.65 -40.53 -4.40
N PHE B 279 5.17 -39.49 -3.71
CA PHE B 279 6.05 -38.49 -3.10
C PHE B 279 6.38 -38.94 -1.68
N VAL B 280 7.64 -39.31 -1.47
CA VAL B 280 8.11 -39.75 -0.17
C VAL B 280 8.99 -38.66 0.41
N VAL B 281 8.61 -38.18 1.59
CA VAL B 281 9.26 -37.04 2.21
C VAL B 281 10.29 -37.46 3.24
N PHE B 282 11.49 -36.89 3.14
CA PHE B 282 12.57 -37.13 4.09
C PHE B 282 12.59 -36.10 5.22
N GLU B 283 12.33 -34.84 4.88
CA GLU B 283 12.49 -33.73 5.82
C GLU B 283 11.51 -32.60 5.52
N ILE B 284 11.25 -31.78 6.52
N ILE B 284 11.26 -31.79 6.54
CA ILE B 284 10.52 -30.52 6.28
CA ILE B 284 10.54 -30.51 6.41
C ILE B 284 11.39 -29.33 6.67
C ILE B 284 11.55 -29.38 6.59
N SER B 285 11.45 -28.35 5.77
CA SER B 285 12.13 -27.10 6.03
C SER B 285 11.02 -26.10 6.23
N ALA B 286 10.85 -25.62 7.45
CA ALA B 286 9.70 -24.78 7.77
C ALA B 286 10.00 -23.28 7.67
N ARG B 287 10.89 -22.95 6.74
CA ARG B 287 11.27 -21.58 6.41
C ARG B 287 11.58 -21.54 4.93
N ILE B 288 11.87 -20.35 4.40
CA ILE B 288 12.29 -20.21 3.01
C ILE B 288 13.47 -21.12 2.71
N VAL B 289 13.43 -21.78 1.55
CA VAL B 289 14.56 -22.61 1.10
C VAL B 289 15.27 -21.97 -0.10
N ALA B 290 16.52 -22.35 -0.30
CA ALA B 290 17.38 -21.74 -1.32
C ALA B 290 16.88 -21.96 -2.75
N GLY B 291 16.11 -23.03 -2.96
CA GLY B 291 15.52 -23.30 -4.28
C GLY B 291 14.67 -22.14 -4.78
N THR B 292 14.10 -21.38 -3.85
CA THR B 292 13.28 -20.23 -4.25
C THR B 292 14.12 -19.11 -4.91
N ASN B 293 15.44 -19.13 -4.71
CA ASN B 293 16.33 -18.14 -5.30
C ASN B 293 16.31 -18.10 -6.84
N ILE B 294 15.90 -19.20 -7.45
CA ILE B 294 15.81 -19.24 -8.92
C ILE B 294 14.73 -18.28 -9.41
N PHE B 295 13.74 -18.03 -8.57
CA PHE B 295 12.47 -17.48 -9.05
C PHE B 295 12.24 -16.03 -8.68
N VAL B 296 13.34 -15.27 -8.67
CA VAL B 296 13.28 -13.82 -8.50
C VAL B 296 12.30 -13.17 -9.50
N ASN B 297 12.30 -13.65 -10.75
CA ASN B 297 11.35 -13.15 -11.75
C ASN B 297 10.08 -14.01 -11.86
N GLY B 298 9.64 -14.55 -10.72
CA GLY B 298 8.50 -15.45 -10.68
C GLY B 298 8.85 -16.86 -11.13
N SER B 299 7.84 -17.73 -11.15
CA SER B 299 8.04 -19.14 -11.50
C SER B 299 6.96 -19.61 -12.46
N PRO B 300 7.13 -20.81 -13.03
CA PRO B 300 6.08 -21.36 -13.90
C PRO B 300 4.74 -21.52 -13.18
N TYR B 301 4.76 -21.49 -11.84
CA TYR B 301 3.55 -21.60 -11.04
C TYR B 301 2.96 -20.23 -10.68
N THR B 302 3.79 -19.28 -10.26
CA THR B 302 3.24 -17.97 -9.92
C THR B 302 2.69 -17.26 -11.16
N TRP B 303 3.31 -17.48 -12.32
CA TRP B 303 2.83 -16.84 -13.54
C TRP B 303 1.48 -17.41 -14.04
N LEU B 304 1.02 -18.51 -13.43
CA LEU B 304 -0.34 -18.99 -13.68
C LEU B 304 -1.40 -18.16 -12.95
N ARG B 305 -0.99 -17.46 -11.88
CA ARG B 305 -1.99 -16.78 -11.06
C ARG B 305 -1.75 -15.31 -10.73
N TYR B 306 -0.57 -14.81 -11.12
CA TYR B 306 -0.24 -13.39 -10.97
C TYR B 306 0.10 -12.74 -12.31
N ASP B 307 -0.08 -11.42 -12.36
CA ASP B 307 0.23 -10.63 -13.56
C ASP B 307 1.59 -9.95 -13.46
N ARG B 308 2.37 -10.36 -12.47
CA ARG B 308 3.69 -9.76 -12.21
C ARG B 308 4.58 -10.84 -11.58
N PRO B 309 5.91 -10.63 -11.62
CA PRO B 309 6.82 -11.60 -11.03
C PRO B 309 6.71 -11.64 -9.51
N VAL B 310 6.53 -12.84 -8.97
CA VAL B 310 6.41 -13.02 -7.53
C VAL B 310 7.31 -14.16 -7.06
N SER B 311 8.45 -13.79 -6.47
CA SER B 311 9.31 -14.75 -5.80
C SER B 311 8.73 -15.03 -4.42
N THR B 312 9.27 -16.03 -3.73
CA THR B 312 8.88 -16.25 -2.35
C THR B 312 9.26 -15.03 -1.50
N GLY B 313 10.42 -14.42 -1.76
CA GLY B 313 10.81 -13.17 -1.10
C GLY B 313 9.77 -12.07 -1.27
N ARG B 314 9.30 -11.88 -2.51
CA ARG B 314 8.27 -10.87 -2.74
C ARG B 314 6.97 -11.26 -2.04
N ARG B 315 6.64 -12.54 -2.04
CA ARG B 315 5.39 -13.00 -1.42
C ARG B 315 5.39 -12.73 0.08
N ILE B 316 6.54 -12.91 0.72
CA ILE B 316 6.71 -12.58 2.14
C ILE B 316 6.42 -11.10 2.38
N ALA B 317 7.03 -10.25 1.56
CA ALA B 317 6.85 -8.80 1.69
C ALA B 317 5.38 -8.42 1.44
N MET B 318 4.74 -9.10 0.48
CA MET B 318 3.33 -8.87 0.17
C MET B 318 2.45 -9.18 1.38
N GLU B 319 2.75 -10.29 2.05
CA GLU B 319 2.04 -10.70 3.26
C GLU B 319 2.18 -9.65 4.37
N ILE B 320 3.42 -9.18 4.58
CA ILE B 320 3.69 -8.18 5.63
C ILE B 320 2.95 -6.88 5.31
N ARG B 321 2.96 -6.50 4.04
N ARG B 321 3.11 -6.40 4.08
CA ARG B 321 2.15 -5.37 3.58
CA ARG B 321 2.47 -5.15 3.63
C ARG B 321 0.64 -5.58 3.80
C ARG B 321 0.97 -5.24 3.89
N GLU B 322 0.09 -6.72 3.36
N GLU B 322 0.37 -6.35 3.45
CA GLU B 322 -1.34 -6.96 3.53
CA GLU B 322 -1.09 -6.55 3.57
C GLU B 322 -1.72 -6.98 5.01
C GLU B 322 -1.54 -6.67 5.04
N ALA B 323 -0.78 -7.41 5.85
CA ALA B 323 -1.03 -7.47 7.29
C ALA B 323 -1.14 -6.05 7.88
N ILE B 324 -0.22 -5.18 7.46
CA ILE B 324 -0.26 -3.77 7.90
C ILE B 324 -1.53 -3.10 7.38
N GLU B 325 -1.84 -3.31 6.11
CA GLU B 325 -3.04 -2.75 5.47
C GLU B 325 -4.33 -3.18 6.16
N ASN B 326 -4.35 -4.38 6.72
N ASN B 326 -4.35 -4.38 6.72
CA ASN B 326 -5.54 -4.93 7.36
CA ASN B 326 -5.55 -4.91 7.36
C ASN B 326 -5.51 -4.92 8.89
C ASN B 326 -5.47 -4.96 8.89
N ASP B 327 -4.59 -4.11 9.44
CA ASP B 327 -4.39 -3.98 10.90
C ASP B 327 -4.25 -5.31 11.63
N MET B 328 -3.38 -6.16 11.11
CA MET B 328 -3.17 -7.48 11.70
C MET B 328 -1.72 -7.92 11.63
N LEU B 329 -0.80 -6.95 11.67
CA LEU B 329 0.62 -7.27 11.61
C LEU B 329 1.05 -8.18 12.76
N GLU B 330 0.51 -7.93 13.95
CA GLU B 330 0.83 -8.75 15.11
C GLU B 330 0.54 -10.24 14.90
N LYS B 331 -0.46 -10.55 14.06
CA LYS B 331 -0.87 -11.93 13.79
C LYS B 331 0.18 -12.76 13.04
N VAL B 332 1.05 -12.10 12.28
CA VAL B 332 2.04 -12.82 11.46
C VAL B 332 3.45 -12.78 12.06
N LEU B 333 3.60 -12.14 13.22
CA LEU B 333 4.90 -12.04 13.89
C LEU B 333 4.91 -12.74 15.24
N THR B 334 6.05 -13.32 15.58
CA THR B 334 6.24 -13.85 16.94
C THR B 334 7.52 -13.31 17.56
NA NA C . -14.99 29.79 0.46
CL CL D . -16.03 23.10 -6.98
P AMP E . -20.01 36.65 -6.08
O1P AMP E . -19.39 37.63 -5.12
O2P AMP E . -19.42 35.27 -5.97
O3P AMP E . -21.51 36.66 -6.13
O5' AMP E . -19.56 37.20 -7.52
C5' AMP E . -20.01 36.59 -8.74
C4' AMP E . -18.96 36.82 -9.80
O4' AMP E . -18.72 38.22 -9.99
C3' AMP E . -17.62 36.25 -9.42
O3' AMP E . -17.51 34.84 -9.67
C2' AMP E . -16.66 37.10 -10.22
O2' AMP E . -16.53 36.64 -11.58
C1' AMP E . -17.33 38.45 -10.22
N9 AMP E . -16.75 39.27 -9.10
C8 AMP E . -17.04 39.16 -7.79
N7 AMP E . -16.32 40.05 -7.05
C5 AMP E . -15.56 40.75 -7.92
C6 AMP E . -14.58 41.85 -7.81
N6 AMP E . -14.26 42.36 -6.60
N1 AMP E . -14.01 42.29 -8.96
C2 AMP E . -14.32 41.78 -10.17
N3 AMP E . -15.20 40.77 -10.34
C4 AMP E . -15.85 40.23 -9.27
P AMP F . -23.86 19.83 -7.00
O1P AMP F . -23.62 19.69 -8.49
O2P AMP F . -23.36 21.15 -6.47
O3P AMP F . -23.48 18.65 -6.16
O5' AMP F . -25.45 20.01 -6.83
C5' AMP F . -26.40 19.57 -7.80
C4' AMP F . -27.76 20.22 -7.57
O4' AMP F . -28.23 19.94 -6.24
C3' AMP F . -27.74 21.73 -7.73
O3' AMP F . -28.84 22.11 -8.55
C2' AMP F . -27.94 22.26 -6.32
O2' AMP F . -28.66 23.51 -6.32
C1' AMP F . -28.73 21.14 -5.65
N9 AMP F . -28.58 21.10 -4.18
C8 AMP F . -27.45 21.28 -3.47
N7 AMP F . -27.68 21.17 -2.13
C5 AMP F . -28.99 20.89 -1.97
C6 AMP F . -29.90 20.65 -0.83
N6 AMP F . -29.45 20.67 0.45
N1 AMP F . -31.21 20.39 -1.10
C2 AMP F . -31.68 20.37 -2.37
N3 AMP F . -30.90 20.59 -3.46
C4 AMP F . -29.58 20.84 -3.32
C1 MPD G . -21.34 45.01 -13.42
C2 MPD G . -20.82 43.73 -14.04
O2 MPD G . -20.17 44.06 -15.29
CM MPD G . -22.00 42.81 -14.34
C3 MPD G . -19.81 43.08 -13.09
C4 MPD G . -19.13 41.83 -13.64
O4 MPD G . -18.38 42.13 -14.79
C5 MPD G . -18.23 41.21 -12.57
C1 MPD H . -12.74 49.65 -14.82
C2 MPD H . -12.51 49.28 -16.29
O2 MPD H . -11.64 48.11 -16.35
CM MPD H . -11.77 50.42 -17.00
C3 MPD H . -13.82 49.00 -17.03
C4 MPD H . -14.58 47.77 -16.56
O4 MPD H . -13.79 46.61 -16.75
C5 MPD H . -15.90 47.63 -17.34
NA NA I . 13.95 -30.15 8.87
CL CL J . 17.62 -24.34 1.89
P AMP K . 20.56 -37.63 5.66
O1P AMP K . 19.95 -36.29 5.28
O2P AMP K . 19.64 -38.54 6.43
O3P AMP K . 21.97 -37.53 6.21
O5' AMP K . 20.75 -38.39 4.25
C5' AMP K . 21.61 -37.85 3.24
C4' AMP K . 21.02 -38.15 1.87
O4' AMP K . 20.83 -39.55 1.69
C3' AMP K . 19.64 -37.52 1.68
O3' AMP K . 19.72 -36.17 1.24
C2' AMP K . 19.00 -38.44 0.66
O2' AMP K . 19.45 -38.05 -0.65
C1' AMP K . 19.59 -39.81 1.00
N9 AMP K . 18.66 -40.56 1.87
C8 AMP K . 18.43 -40.34 3.18
N7 AMP K . 17.51 -41.21 3.67
C5 AMP K . 17.12 -42.00 2.65
C6 AMP K . 16.18 -43.13 2.47
N6 AMP K . 15.43 -43.60 3.50
N1 AMP K . 16.09 -43.69 1.24
C2 AMP K . 16.81 -43.23 0.20
N3 AMP K . 17.69 -42.21 0.29
C4 AMP K . 17.88 -41.57 1.47
P AMP L . 24.85 -20.96 4.49
O1P AMP L . 24.14 -19.72 5.02
O2P AMP L . 24.22 -22.25 4.94
O3P AMP L . 25.18 -20.92 3.01
O5' AMP L . 26.26 -20.98 5.27
C5' AMP L . 27.49 -20.56 4.67
C4' AMP L . 28.70 -21.14 5.40
O4' AMP L . 28.65 -20.80 6.80
C3' AMP L . 28.75 -22.65 5.31
O3' AMP L . 30.08 -23.05 4.98
C2' AMP L . 28.38 -23.14 6.71
O2' AMP L . 29.02 -24.37 7.03
C1' AMP L . 28.87 -21.98 7.58
N9 AMP L . 28.20 -21.87 8.90
C8 AMP L . 26.91 -22.15 9.19
N7 AMP L . 26.64 -21.94 10.51
C5 AMP L . 27.78 -21.51 11.09
C6 AMP L . 28.21 -21.09 12.45
N6 AMP L . 27.35 -21.09 13.49
N1 AMP L . 29.51 -20.71 12.62
C2 AMP L . 30.38 -20.70 11.59
N3 AMP L . 30.06 -21.06 10.33
C4 AMP L . 28.81 -21.47 10.02
C1 MPD M . 24.66 -46.35 0.35
C2 MPD M . 24.52 -45.03 -0.42
O2 MPD M . 24.45 -45.34 -1.83
CM MPD M . 25.74 -44.16 -0.16
C3 MPD M . 23.25 -44.33 0.05
C4 MPD M . 22.48 -43.65 -1.08
O4 MPD M . 21.94 -44.61 -1.95
C5 MPD M . 21.36 -42.77 -0.52
C1 MPD N . 16.95 -51.62 -3.75
C2 MPD N . 17.29 -51.40 -5.22
O2 MPD N . 16.56 -50.24 -5.71
CM MPD N . 16.84 -52.61 -6.04
C3 MPD N . 18.80 -51.19 -5.44
C4 MPD N . 19.38 -49.89 -4.90
O4 MPD N . 18.81 -48.79 -5.59
C5 MPD N . 20.89 -49.88 -5.08
#